data_8UX2
#
_entry.id   8UX2
#
_cell.length_a   57.656
_cell.length_b   82.937
_cell.length_c   151.212
_cell.angle_alpha   90.00
_cell.angle_beta   90.00
_cell.angle_gamma   90.00
#
_symmetry.space_group_name_H-M   'P 21 21 21'
#
loop_
_entity.id
_entity.type
_entity.pdbx_description
1 polymer 'NAD(+)--protein-threonine ADP-ribosyltransferase'
2 non-polymer NICOTINAMIDE-ADENINE-DINUCLEOTIDE
3 non-polymer 'CALCIUM ION'
4 non-polymer 1,2-ETHANEDIOL
5 water water
#
_entity_poly.entity_id   1
_entity_poly.type   'polypeptide(L)'
_entity_poly.pdbx_seq_one_letter_code
;GPLGSGVPHEITGGNRQEKLAQL(MSE)RQFESGGLYLRTVSDHRDEFENTF(MSE)PKLDACLGHGCDERYWSSATFIQ
QGLNGKVHDPHADRTGLIISADARLGGFSTFDAATANVPSGLEPSQYFPGQFPKFD(MSE)(MSE)GAYQATWNEDIFSV
DATAVSEQQ(MSE)DELGIPDEYRSVFDFDRIQEK(MSE)AQPRLAGREVEPTEAKICYQPKDVLGIYVDVDSPASQSKA
RELQQA(MSE)REQGFDLPFIAYRGGAAQELASV
;
_entity_poly.pdbx_strand_id   A,B,C
#
loop_
_chem_comp.id
_chem_comp.type
_chem_comp.name
_chem_comp.formula
CA non-polymer 'CALCIUM ION' 'Ca 2'
EDO non-polymer 1,2-ETHANEDIOL 'C2 H6 O2'
NAD non-polymer NICOTINAMIDE-ADENINE-DINUCLEOTIDE 'C21 H27 N7 O14 P2'
#
# COMPACT_ATOMS: atom_id res chain seq x y z
N PRO A 8 -12.52 -15.61 7.09
CA PRO A 8 -12.08 -16.34 5.91
C PRO A 8 -12.92 -15.93 4.70
N HIS A 9 -13.95 -15.11 4.95
CA HIS A 9 -14.81 -14.65 3.87
C HIS A 9 -14.03 -13.86 2.83
N GLU A 10 -12.92 -13.24 3.23
CA GLU A 10 -12.06 -12.56 2.27
C GLU A 10 -11.34 -13.56 1.36
N ILE A 11 -11.21 -14.81 1.79
CA ILE A 11 -10.54 -15.83 0.98
C ILE A 11 -11.55 -16.65 0.20
N THR A 12 -12.72 -16.92 0.80
CA THR A 12 -13.71 -17.77 0.13
C THR A 12 -14.52 -17.02 -0.90
N GLY A 13 -14.76 -15.73 -0.69
CA GLY A 13 -15.51 -14.93 -1.63
C GLY A 13 -17.01 -14.98 -1.47
N GLY A 14 -17.53 -15.48 -0.37
CA GLY A 14 -18.96 -15.50 -0.12
C GLY A 14 -19.51 -16.91 -0.02
N ASN A 15 -20.74 -16.98 0.48
CA ASN A 15 -21.43 -18.26 0.66
C ASN A 15 -22.05 -18.72 -0.65
N ARG A 16 -22.80 -19.83 -0.60
CA ARG A 16 -23.32 -20.42 -1.82
C ARG A 16 -24.30 -19.49 -2.54
N GLN A 17 -25.15 -18.80 -1.78
CA GLN A 17 -26.15 -17.92 -2.40
C GLN A 17 -25.50 -16.70 -3.03
N GLU A 18 -24.45 -16.17 -2.40
CA GLU A 18 -23.71 -15.03 -2.97
C GLU A 18 -22.95 -15.43 -4.24
N LYS A 19 -22.35 -16.61 -4.26
CA LYS A 19 -21.65 -17.05 -5.46
C LYS A 19 -22.62 -17.30 -6.59
N LEU A 20 -23.79 -17.89 -6.29
CA LEU A 20 -24.78 -18.11 -7.32
C LEU A 20 -25.22 -16.80 -7.95
N ALA A 21 -25.54 -15.81 -7.10
CA ALA A 21 -25.99 -14.52 -7.61
C ALA A 21 -24.90 -13.84 -8.41
N GLN A 22 -23.65 -13.99 -7.97
CA GLN A 22 -22.51 -13.44 -8.71
C GLN A 22 -22.40 -14.06 -10.10
N LEU A 23 -22.51 -15.39 -10.20
CA LEU A 23 -22.25 -15.99 -11.50
C LEU A 23 -23.39 -15.71 -12.48
N MSE A 24 -24.65 -15.78 -12.04
CA MSE A 24 -25.78 -15.32 -12.90
C MSE A 24 -25.67 -13.89 -13.39
O MSE A 24 -25.95 -13.63 -14.57
CB MSE A 24 -27.12 -15.49 -12.16
CG MSE A 24 -27.61 -16.92 -11.91
SE MSE A 24 -27.31 -18.20 -13.42
CE MSE A 24 -28.51 -17.43 -14.79
N ARG A 25 -25.30 -12.97 -12.50
CA ARG A 25 -25.13 -11.59 -12.92
C ARG A 25 -24.08 -11.47 -14.01
N GLN A 26 -22.91 -12.12 -13.83
CA GLN A 26 -21.89 -12.08 -14.87
C GLN A 26 -22.36 -12.76 -16.14
N PHE A 27 -23.03 -13.92 -16.01
CA PHE A 27 -23.47 -14.66 -17.19
C PHE A 27 -24.37 -13.80 -18.07
N GLU A 28 -25.27 -13.04 -17.46
CA GLU A 28 -26.19 -12.19 -18.21
C GLU A 28 -25.59 -10.86 -18.61
N SER A 29 -24.35 -10.57 -18.18
CA SER A 29 -23.64 -9.38 -18.62
C SER A 29 -22.56 -9.74 -19.64
N GLY A 30 -21.30 -9.51 -19.28
CA GLY A 30 -20.20 -9.73 -20.18
C GLY A 30 -19.72 -11.16 -20.27
N GLY A 31 -20.35 -12.08 -19.55
CA GLY A 31 -19.94 -13.47 -19.58
C GLY A 31 -18.96 -13.80 -18.47
N LEU A 32 -18.47 -15.03 -18.52
CA LEU A 32 -17.51 -15.55 -17.55
C LEU A 32 -16.92 -16.83 -18.12
N TYR A 33 -16.31 -17.64 -17.27
CA TYR A 33 -15.55 -18.78 -17.76
C TYR A 33 -16.13 -20.10 -17.25
N LEU A 34 -15.86 -21.16 -18.02
CA LEU A 34 -16.22 -22.51 -17.60
C LEU A 34 -15.05 -23.40 -17.94
N ARG A 35 -14.45 -24.02 -16.93
CA ARG A 35 -13.32 -24.92 -17.13
C ARG A 35 -13.83 -26.34 -16.86
N THR A 36 -13.86 -27.19 -17.89
CA THR A 36 -14.20 -28.59 -17.65
C THR A 36 -12.95 -29.36 -17.23
N VAL A 37 -13.15 -30.44 -16.49
CA VAL A 37 -12.02 -31.24 -16.01
C VAL A 37 -12.36 -32.72 -16.09
N SER A 38 -11.41 -33.50 -16.57
CA SER A 38 -11.60 -34.94 -16.62
C SER A 38 -11.29 -35.59 -15.29
N ASP A 39 -10.35 -35.04 -14.53
CA ASP A 39 -9.96 -35.58 -13.23
C ASP A 39 -10.22 -34.51 -12.17
N HIS A 40 -11.39 -34.58 -11.54
CA HIS A 40 -11.76 -33.58 -10.55
C HIS A 40 -10.95 -33.73 -9.27
N ARG A 41 -10.48 -34.94 -8.96
CA ARG A 41 -9.62 -35.09 -7.79
C ARG A 41 -8.30 -34.38 -8.00
N ASP A 42 -7.73 -34.51 -9.21
CA ASP A 42 -6.50 -33.78 -9.53
C ASP A 42 -6.73 -32.27 -9.51
N GLU A 43 -7.85 -31.80 -10.08
CA GLU A 43 -8.08 -30.36 -10.08
C GLU A 43 -8.14 -29.83 -8.65
N PHE A 44 -8.86 -30.53 -7.79
CA PHE A 44 -8.97 -30.08 -6.40
C PHE A 44 -7.62 -30.15 -5.70
N GLU A 45 -6.94 -31.30 -5.80
CA GLU A 45 -5.75 -31.54 -4.99
C GLU A 45 -4.53 -30.80 -5.52
N ASN A 46 -4.43 -30.64 -6.84
CA ASN A 46 -3.20 -30.18 -7.46
C ASN A 46 -3.32 -28.81 -8.13
N THR A 47 -4.53 -28.28 -8.30
CA THR A 47 -4.71 -26.91 -8.77
C THR A 47 -5.34 -26.02 -7.70
N PHE A 48 -6.52 -26.38 -7.21
CA PHE A 48 -7.22 -25.52 -6.26
C PHE A 48 -6.48 -25.43 -4.92
N MSE A 49 -6.07 -26.56 -4.37
CA MSE A 49 -5.54 -26.53 -3.02
C MSE A 49 -4.19 -25.77 -2.95
O MSE A 49 -3.98 -24.99 -2.02
CB MSE A 49 -5.40 -27.95 -2.48
CG MSE A 49 -6.75 -28.53 -2.05
SE MSE A 49 -7.55 -27.63 -0.50
CE MSE A 49 -6.06 -27.63 0.74
N PRO A 50 -3.30 -25.96 -3.94
CA PRO A 50 -2.09 -25.10 -3.97
C PRO A 50 -2.41 -23.63 -4.08
N LYS A 51 -3.48 -23.26 -4.79
CA LYS A 51 -3.86 -21.86 -4.87
C LYS A 51 -4.37 -21.36 -3.51
N LEU A 52 -5.13 -22.19 -2.80
CA LEU A 52 -5.58 -21.81 -1.46
C LEU A 52 -4.41 -21.69 -0.50
N ASP A 53 -3.49 -22.67 -0.52
CA ASP A 53 -2.29 -22.58 0.33
C ASP A 53 -1.50 -21.31 0.05
N ALA A 54 -1.39 -20.94 -1.23
CA ALA A 54 -0.67 -19.71 -1.57
C ALA A 54 -1.42 -18.48 -1.06
N CYS A 55 -2.76 -18.49 -1.15
CA CYS A 55 -3.53 -17.38 -0.59
C CYS A 55 -3.30 -17.24 0.90
N LEU A 56 -3.04 -18.34 1.59
CA LEU A 56 -2.81 -18.33 3.04
C LEU A 56 -1.35 -18.08 3.40
N GLY A 57 -0.45 -18.09 2.42
CA GLY A 57 0.95 -17.82 2.66
C GLY A 57 1.86 -19.03 2.70
N HIS A 58 1.40 -20.19 2.27
CA HIS A 58 2.23 -21.38 2.33
C HIS A 58 2.94 -21.64 1.01
N GLY A 59 2.35 -22.47 0.16
CA GLY A 59 3.06 -22.97 -1.00
C GLY A 59 3.09 -21.98 -2.14
N CYS A 60 3.40 -22.50 -3.33
CA CYS A 60 3.31 -21.78 -4.58
C CYS A 60 2.16 -22.34 -5.41
N ASP A 61 1.55 -21.45 -6.20
CA ASP A 61 0.64 -21.84 -7.28
C ASP A 61 1.53 -22.25 -8.45
N GLU A 62 1.93 -23.52 -8.48
CA GLU A 62 2.91 -23.96 -9.46
C GLU A 62 2.32 -24.05 -10.87
N ARG A 63 1.07 -24.50 -10.98
CA ARG A 63 0.44 -24.63 -12.29
C ARG A 63 0.01 -23.28 -12.84
N TYR A 64 -0.66 -22.49 -11.99
CA TYR A 64 -0.96 -21.07 -12.22
C TYR A 64 -2.01 -20.82 -13.30
N TRP A 65 -1.74 -21.22 -14.55
CA TRP A 65 -2.63 -20.97 -15.67
C TRP A 65 -3.40 -22.23 -16.04
N SER A 66 -4.71 -22.06 -16.30
CA SER A 66 -5.59 -23.16 -16.67
C SER A 66 -6.44 -22.78 -17.87
N SER A 67 -6.82 -23.78 -18.66
CA SER A 67 -7.69 -23.57 -19.82
C SER A 67 -9.16 -23.49 -19.40
N ALA A 68 -9.90 -22.58 -20.03
CA ALA A 68 -11.34 -22.49 -19.81
C ALA A 68 -12.01 -22.00 -21.08
N THR A 69 -13.30 -22.23 -21.17
CA THR A 69 -14.13 -21.70 -22.25
C THR A 69 -14.91 -20.47 -21.78
N PHE A 70 -15.10 -19.51 -22.68
CA PHE A 70 -15.94 -18.35 -22.41
C PHE A 70 -17.40 -18.73 -22.55
N ILE A 71 -18.22 -18.40 -21.54
CA ILE A 71 -19.66 -18.65 -21.62
C ILE A 71 -20.41 -17.36 -21.32
N GLN A 72 -21.60 -17.24 -21.92
CA GLN A 72 -22.37 -16.00 -21.86
C GLN A 72 -23.80 -16.29 -22.28
N GLN A 73 -24.76 -15.60 -21.67
CA GLN A 73 -26.16 -15.81 -22.01
C GLN A 73 -26.41 -15.54 -23.48
N GLY A 74 -27.11 -16.48 -24.13
CA GLY A 74 -27.44 -16.35 -25.54
C GLY A 74 -26.35 -16.76 -26.50
N LEU A 75 -25.13 -17.02 -26.02
CA LEU A 75 -24.06 -17.52 -26.87
C LEU A 75 -24.14 -19.04 -26.89
N ASN A 76 -24.41 -19.61 -28.07
CA ASN A 76 -24.63 -21.06 -28.18
C ASN A 76 -23.27 -21.79 -28.26
N GLY A 77 -22.59 -21.82 -27.12
CA GLY A 77 -21.20 -22.24 -27.05
C GLY A 77 -21.05 -23.64 -26.46
N LYS A 78 -20.31 -24.47 -27.17
CA LYS A 78 -20.00 -25.80 -26.68
C LYS A 78 -18.87 -25.68 -25.64
N VAL A 79 -18.82 -26.65 -24.72
CA VAL A 79 -17.66 -26.75 -23.83
C VAL A 79 -16.86 -27.96 -24.24
N HIS A 80 -15.64 -28.05 -23.72
CA HIS A 80 -14.75 -29.14 -24.03
C HIS A 80 -15.10 -30.37 -23.20
N ASP A 81 -15.71 -31.37 -23.83
CA ASP A 81 -16.06 -32.59 -23.12
C ASP A 81 -16.26 -33.70 -24.15
N PRO A 82 -15.16 -34.23 -24.70
CA PRO A 82 -15.30 -35.14 -25.86
C PRO A 82 -16.06 -36.41 -25.59
N HIS A 83 -15.97 -36.96 -24.37
CA HIS A 83 -16.65 -38.21 -24.04
C HIS A 83 -17.84 -38.00 -23.13
N ALA A 84 -18.29 -36.75 -22.99
CA ALA A 84 -19.50 -36.43 -22.21
C ALA A 84 -19.41 -37.03 -20.80
N ASP A 85 -18.27 -36.82 -20.14
CA ASP A 85 -18.11 -37.45 -18.83
C ASP A 85 -17.38 -36.54 -17.86
N ARG A 86 -17.50 -35.22 -18.02
CA ARG A 86 -16.72 -34.29 -17.22
C ARG A 86 -17.62 -33.52 -16.27
N THR A 87 -17.04 -33.12 -15.13
CA THR A 87 -17.60 -32.01 -14.37
C THR A 87 -16.69 -30.80 -14.64
N GLY A 88 -16.69 -29.80 -13.75
CA GLY A 88 -15.92 -28.62 -14.03
C GLY A 88 -16.23 -27.50 -13.07
N LEU A 89 -15.61 -26.35 -13.33
CA LEU A 89 -15.73 -25.16 -12.49
C LEU A 89 -16.27 -23.99 -13.31
N ILE A 90 -17.27 -23.31 -12.77
CA ILE A 90 -17.70 -22.01 -13.29
C ILE A 90 -16.86 -20.96 -12.59
N ILE A 91 -16.13 -20.16 -13.37
CA ILE A 91 -15.06 -19.32 -12.86
C ILE A 91 -15.36 -17.87 -13.18
N SER A 92 -15.26 -17.02 -12.16
CA SER A 92 -15.57 -15.61 -12.27
C SER A 92 -14.82 -14.94 -13.40
N ALA A 93 -15.52 -13.99 -14.05
CA ALA A 93 -14.85 -13.14 -15.03
C ALA A 93 -13.69 -12.38 -14.42
N ASP A 94 -13.61 -12.31 -13.10
CA ASP A 94 -12.53 -11.57 -12.49
C ASP A 94 -11.23 -12.37 -12.40
N ALA A 95 -11.24 -13.65 -12.80
CA ALA A 95 -10.00 -14.39 -12.91
C ALA A 95 -9.05 -13.66 -13.88
N ARG A 96 -7.75 -13.75 -13.59
CA ARG A 96 -6.73 -13.10 -14.45
C ARG A 96 -6.76 -13.73 -15.85
N LEU A 97 -6.76 -12.89 -16.89
CA LEU A 97 -6.77 -13.40 -18.26
C LEU A 97 -5.36 -13.39 -18.85
N GLY A 98 -4.92 -14.55 -19.33
CA GLY A 98 -3.64 -14.66 -20.00
C GLY A 98 -3.73 -14.72 -21.50
N GLY A 99 -4.92 -14.70 -22.06
CA GLY A 99 -5.12 -14.69 -23.50
C GLY A 99 -6.39 -15.47 -23.82
N PHE A 100 -7.05 -15.07 -24.90
CA PHE A 100 -8.28 -15.71 -25.37
C PHE A 100 -8.20 -15.94 -26.88
N SER A 101 -8.62 -17.12 -27.33
CA SER A 101 -8.71 -17.40 -28.76
C SER A 101 -10.02 -18.13 -29.04
N THR A 102 -10.59 -17.89 -30.23
CA THR A 102 -11.79 -18.63 -30.58
C THR A 102 -11.48 -20.03 -31.09
N PHE A 103 -10.22 -20.35 -31.34
CA PHE A 103 -9.83 -21.68 -31.78
C PHE A 103 -9.19 -22.45 -30.63
N ASP A 104 -9.43 -23.75 -30.59
CA ASP A 104 -8.70 -24.67 -29.71
C ASP A 104 -7.46 -25.14 -30.47
N ALA A 105 -6.32 -24.50 -30.16
CA ALA A 105 -5.06 -24.63 -30.86
C ALA A 105 -4.08 -25.46 -30.04
N ALA A 106 -2.78 -25.20 -30.18
CA ALA A 106 -1.75 -26.00 -29.54
C ALA A 106 -1.26 -25.46 -28.21
N THR A 107 -1.77 -24.31 -27.77
CA THR A 107 -1.26 -23.67 -26.56
C THR A 107 -1.46 -24.60 -25.37
N ALA A 108 -0.37 -24.95 -24.71
CA ALA A 108 -0.38 -25.98 -23.69
C ALA A 108 -0.33 -25.32 -22.30
N ASN A 109 -0.08 -26.12 -21.27
CA ASN A 109 0.13 -25.57 -19.95
C ASN A 109 1.55 -25.06 -19.82
N VAL A 110 1.87 -24.53 -18.64
CA VAL A 110 3.23 -24.07 -18.40
C VAL A 110 4.13 -25.30 -18.43
N PRO A 111 5.14 -25.35 -19.30
CA PRO A 111 6.00 -26.54 -19.36
C PRO A 111 6.97 -26.63 -18.20
N SER A 112 7.48 -27.84 -18.01
CA SER A 112 8.53 -28.11 -17.04
C SER A 112 9.64 -27.06 -17.11
N GLY A 113 9.95 -26.49 -15.94
CA GLY A 113 11.09 -25.60 -15.77
C GLY A 113 10.89 -24.18 -16.22
N LEU A 114 9.67 -23.79 -16.60
CA LEU A 114 9.35 -22.43 -17.01
C LEU A 114 8.69 -21.68 -15.86
N GLU A 115 9.03 -20.40 -15.71
CA GLU A 115 8.41 -19.59 -14.65
C GLU A 115 6.93 -19.41 -14.97
N PRO A 116 6.03 -19.77 -14.05
CA PRO A 116 4.61 -19.87 -14.43
C PRO A 116 3.88 -18.54 -14.46
N SER A 117 4.12 -17.66 -13.48
CA SER A 117 3.27 -16.49 -13.29
C SER A 117 3.27 -15.58 -14.52
N GLN A 118 4.35 -15.48 -15.26
CA GLN A 118 4.19 -14.68 -16.47
C GLN A 118 4.51 -15.45 -17.75
N TYR A 119 4.32 -16.77 -17.71
CA TYR A 119 4.38 -17.55 -18.94
C TYR A 119 3.37 -17.05 -19.97
N PHE A 120 2.06 -16.81 -19.52
CA PHE A 120 1.13 -16.04 -20.34
C PHE A 120 1.00 -14.63 -19.77
N PRO A 121 0.66 -13.61 -20.58
CA PRO A 121 0.28 -13.61 -22.01
C PRO A 121 1.45 -13.76 -22.97
N GLY A 122 2.68 -13.63 -22.45
CA GLY A 122 3.83 -13.56 -23.35
C GLY A 122 3.93 -14.73 -24.30
N GLN A 123 3.68 -15.95 -23.82
CA GLN A 123 3.71 -17.11 -24.69
C GLN A 123 2.35 -17.48 -25.25
N PHE A 124 1.37 -16.57 -25.14
CA PHE A 124 0.10 -16.87 -25.78
C PHE A 124 0.15 -16.40 -27.22
N PRO A 125 -0.23 -17.24 -28.18
CA PRO A 125 -0.17 -16.80 -29.60
C PRO A 125 -1.04 -15.57 -29.83
N LYS A 126 -0.47 -14.57 -30.51
CA LYS A 126 -1.22 -13.36 -30.78
C LYS A 126 -2.21 -13.51 -31.93
N PHE A 127 -2.07 -14.58 -32.72
CA PHE A 127 -3.04 -14.93 -33.75
C PHE A 127 -2.97 -16.43 -33.98
N ASP A 128 -4.02 -16.97 -34.58
CA ASP A 128 -4.07 -18.40 -34.89
C ASP A 128 -3.44 -18.64 -36.25
N MSE A 129 -2.31 -19.34 -36.26
CA MSE A 129 -1.58 -19.53 -37.52
C MSE A 129 -2.36 -20.34 -38.51
O MSE A 129 -2.38 -20.05 -39.71
CB MSE A 129 -0.24 -20.22 -37.24
CG MSE A 129 0.79 -19.31 -36.64
SE MSE A 129 2.55 -20.12 -36.80
CE MSE A 129 2.30 -21.55 -35.49
N MSE A 130 -3.02 -21.39 -38.01
CA MSE A 130 -3.70 -22.37 -38.86
C MSE A 130 -4.88 -21.70 -39.55
O MSE A 130 -5.04 -21.81 -40.76
CB MSE A 130 -4.19 -23.55 -38.01
CG MSE A 130 -3.05 -24.37 -37.43
SE MSE A 130 -1.46 -24.55 -38.60
CE MSE A 130 -0.32 -25.41 -37.22
N GLY A 131 -5.70 -20.99 -38.77
CA GLY A 131 -6.81 -20.27 -39.39
C GLY A 131 -6.36 -19.17 -40.32
N ALA A 132 -5.34 -18.40 -39.91
CA ALA A 132 -4.88 -17.30 -40.75
C ALA A 132 -4.27 -17.82 -42.05
N TYR A 133 -3.57 -18.94 -41.99
CA TYR A 133 -2.95 -19.49 -43.18
C TYR A 133 -4.01 -19.99 -44.16
N GLN A 134 -5.03 -20.68 -43.65
CA GLN A 134 -6.11 -21.14 -44.52
C GLN A 134 -6.84 -19.97 -45.17
N ALA A 135 -6.87 -18.81 -44.50
CA ALA A 135 -7.58 -17.65 -45.02
C ALA A 135 -6.73 -16.81 -45.96
N THR A 136 -5.41 -16.84 -45.82
CA THR A 136 -4.53 -16.02 -46.67
C THR A 136 -3.59 -16.80 -47.57
N TRP A 137 -3.31 -18.08 -47.28
CA TRP A 137 -2.34 -18.87 -48.03
C TRP A 137 -0.95 -18.22 -48.05
N ASN A 138 -0.64 -17.47 -47.01
CA ASN A 138 0.62 -16.75 -46.89
C ASN A 138 1.63 -17.61 -46.13
N GLU A 139 2.50 -18.29 -46.87
CA GLU A 139 3.66 -19.03 -46.35
C GLU A 139 4.35 -18.35 -45.18
N ASP A 140 4.53 -17.02 -45.28
CA ASP A 140 5.37 -16.29 -44.33
C ASP A 140 4.82 -16.36 -42.91
N ILE A 141 3.55 -16.73 -42.75
CA ILE A 141 2.97 -16.90 -41.42
C ILE A 141 3.81 -17.83 -40.58
N PHE A 142 4.42 -18.84 -41.19
CA PHE A 142 5.14 -19.84 -40.41
C PHE A 142 6.59 -19.46 -40.16
N SER A 143 7.03 -18.32 -40.66
CA SER A 143 8.40 -17.84 -40.43
C SER A 143 8.51 -16.87 -39.26
N VAL A 144 7.41 -16.62 -38.55
CA VAL A 144 7.38 -15.71 -37.43
C VAL A 144 7.02 -16.50 -36.18
N ASP A 145 7.45 -15.97 -35.03
CA ASP A 145 7.01 -16.47 -33.72
C ASP A 145 5.68 -15.79 -33.38
N ALA A 146 4.58 -16.55 -33.44
CA ALA A 146 3.27 -15.96 -33.21
C ALA A 146 3.11 -15.40 -31.80
N THR A 147 3.91 -15.87 -30.84
CA THR A 147 3.85 -15.29 -29.51
C THR A 147 4.49 -13.92 -29.45
N ALA A 148 5.30 -13.56 -30.43
CA ALA A 148 6.15 -12.40 -30.35
C ALA A 148 5.83 -11.28 -31.34
N VAL A 149 4.75 -11.39 -32.12
CA VAL A 149 4.50 -10.39 -33.16
C VAL A 149 3.68 -9.25 -32.58
N SER A 150 3.93 -8.05 -33.09
CA SER A 150 3.13 -6.88 -32.74
C SER A 150 1.93 -6.73 -33.67
N GLU A 151 1.04 -5.80 -33.30
CA GLU A 151 -0.10 -5.47 -34.15
C GLU A 151 0.34 -5.07 -35.57
N GLN A 152 1.43 -4.33 -35.70
CA GLN A 152 1.78 -3.89 -37.04
C GLN A 152 2.46 -5.00 -37.84
N GLN A 153 3.16 -5.91 -37.16
CA GLN A 153 3.65 -7.09 -37.88
C GLN A 153 2.50 -7.95 -38.36
N MSE A 154 1.44 -8.04 -37.58
CA MSE A 154 0.31 -8.85 -37.95
C MSE A 154 -0.36 -8.20 -39.18
O MSE A 154 -0.75 -8.89 -40.12
CB MSE A 154 -0.66 -8.97 -36.79
CG MSE A 154 -0.15 -10.00 -35.79
SE MSE A 154 -1.48 -10.55 -34.52
CE MSE A 154 -1.49 -8.97 -33.34
N ASP A 155 -0.44 -6.87 -39.18
CA ASP A 155 -0.94 -6.14 -40.35
C ASP A 155 -0.11 -6.44 -41.60
N GLU A 156 1.22 -6.37 -41.47
CA GLU A 156 2.09 -6.62 -42.62
C GLU A 156 1.94 -8.05 -43.13
N LEU A 157 1.75 -9.00 -42.22
CA LEU A 157 1.49 -10.38 -42.62
C LEU A 157 0.11 -10.54 -43.25
N GLY A 158 -0.78 -9.57 -43.05
CA GLY A 158 -2.13 -9.66 -43.59
C GLY A 158 -3.08 -10.48 -42.75
N ILE A 159 -2.82 -10.61 -41.46
CA ILE A 159 -3.66 -11.44 -40.58
C ILE A 159 -5.04 -10.81 -40.40
N PRO A 160 -6.12 -11.45 -40.85
CA PRO A 160 -7.46 -10.90 -40.57
C PRO A 160 -7.74 -10.85 -39.07
N ASP A 161 -8.50 -9.83 -38.66
CA ASP A 161 -8.80 -9.64 -37.24
C ASP A 161 -9.55 -10.82 -36.66
N GLU A 162 -10.30 -11.55 -37.48
CA GLU A 162 -11.01 -12.72 -36.99
C GLU A 162 -10.07 -13.74 -36.36
N TYR A 163 -8.80 -13.78 -36.76
CA TYR A 163 -7.86 -14.77 -36.26
C TYR A 163 -6.93 -14.23 -35.18
N ARG A 164 -7.16 -13.02 -34.71
CA ARG A 164 -6.30 -12.45 -33.70
C ARG A 164 -6.84 -12.74 -32.31
N SER A 165 -5.91 -13.03 -31.39
CA SER A 165 -6.25 -13.30 -30.01
C SER A 165 -6.65 -12.02 -29.28
N VAL A 166 -7.33 -12.20 -28.15
CA VAL A 166 -7.85 -11.14 -27.30
C VAL A 166 -7.16 -11.23 -25.95
N PHE A 167 -6.78 -10.08 -25.38
CA PHE A 167 -6.08 -10.06 -24.09
C PHE A 167 -6.80 -9.24 -23.03
N ASP A 168 -7.95 -8.65 -23.35
CA ASP A 168 -8.76 -7.90 -22.40
C ASP A 168 -10.12 -8.57 -22.28
N PHE A 169 -10.55 -8.86 -21.05
CA PHE A 169 -11.81 -9.59 -20.88
C PHE A 169 -12.96 -8.87 -21.55
N ASP A 170 -13.04 -7.55 -21.35
CA ASP A 170 -14.18 -6.79 -21.83
C ASP A 170 -14.32 -6.90 -23.33
N ARG A 171 -13.34 -7.50 -23.99
CA ARG A 171 -13.27 -7.47 -25.42
C ARG A 171 -13.57 -8.85 -25.99
N ILE A 172 -13.68 -9.85 -25.11
CA ILE A 172 -14.08 -11.19 -25.53
C ILE A 172 -15.51 -11.18 -26.02
N GLN A 173 -16.40 -10.45 -25.33
CA GLN A 173 -17.80 -10.44 -25.77
C GLN A 173 -17.96 -9.72 -27.11
N GLU A 174 -17.16 -8.70 -27.37
CA GLU A 174 -17.20 -8.10 -28.71
C GLU A 174 -16.71 -9.10 -29.75
N LYS A 175 -15.67 -9.87 -29.43
CA LYS A 175 -15.22 -10.92 -30.34
C LYS A 175 -16.33 -11.93 -30.59
N MSE A 176 -17.16 -12.21 -29.59
CA MSE A 176 -18.10 -13.31 -29.78
C MSE A 176 -19.51 -12.81 -30.18
O MSE A 176 -20.46 -13.59 -30.24
CB MSE A 176 -18.16 -14.16 -28.53
CG MSE A 176 -16.74 -14.55 -28.20
SE MSE A 176 -16.15 -15.98 -29.36
CE MSE A 176 -17.81 -16.97 -29.54
N ALA A 177 -19.60 -11.52 -30.52
CA ALA A 177 -20.90 -10.91 -30.73
C ALA A 177 -21.60 -11.48 -31.96
N GLN A 178 -20.86 -11.69 -33.05
CA GLN A 178 -21.54 -12.16 -34.26
C GLN A 178 -21.99 -13.60 -34.12
N PRO A 179 -21.17 -14.56 -33.68
CA PRO A 179 -21.70 -15.89 -33.34
C PRO A 179 -22.88 -15.84 -32.38
N ARG A 180 -22.79 -14.99 -31.35
CA ARG A 180 -23.87 -14.90 -30.38
C ARG A 180 -25.19 -14.53 -31.05
N LEU A 181 -25.16 -13.55 -31.96
CA LEU A 181 -26.41 -13.12 -32.59
C LEU A 181 -26.96 -14.18 -33.53
N ALA A 182 -26.09 -14.89 -34.26
CA ALA A 182 -26.57 -15.88 -35.22
C ALA A 182 -27.22 -17.08 -34.53
N GLY A 183 -26.87 -17.35 -33.28
CA GLY A 183 -27.40 -18.50 -32.57
C GLY A 183 -26.86 -19.84 -33.00
N ARG A 184 -25.89 -19.86 -33.92
CA ARG A 184 -25.29 -21.10 -34.39
C ARG A 184 -24.31 -21.63 -33.35
N GLU A 185 -24.26 -22.96 -33.24
CA GLU A 185 -23.38 -23.57 -32.24
C GLU A 185 -21.92 -23.27 -32.58
N VAL A 186 -21.16 -22.83 -31.59
CA VAL A 186 -19.74 -22.54 -31.77
C VAL A 186 -18.91 -23.59 -31.04
N GLU A 187 -17.79 -23.97 -31.64
CA GLU A 187 -16.88 -24.91 -30.99
C GLU A 187 -16.32 -24.30 -29.72
N PRO A 188 -15.79 -25.12 -28.82
CA PRO A 188 -15.22 -24.58 -27.57
C PRO A 188 -14.16 -23.55 -27.85
N THR A 189 -14.30 -22.38 -27.23
CA THR A 189 -13.25 -21.38 -27.28
C THR A 189 -12.28 -21.65 -26.15
N GLU A 190 -11.16 -20.94 -26.12
CA GLU A 190 -10.19 -21.23 -25.08
C GLU A 190 -9.52 -19.96 -24.58
N ALA A 191 -9.61 -19.74 -23.27
CA ALA A 191 -8.87 -18.73 -22.55
C ALA A 191 -7.88 -19.44 -21.65
N LYS A 192 -6.73 -18.82 -21.43
CA LYS A 192 -5.85 -19.20 -20.32
C LYS A 192 -6.12 -18.20 -19.22
N ILE A 193 -6.48 -18.71 -18.03
CA ILE A 193 -6.82 -17.87 -16.88
C ILE A 193 -6.05 -18.36 -15.65
N CYS A 194 -5.84 -17.44 -14.71
CA CYS A 194 -5.34 -17.79 -13.38
C CYS A 194 -6.48 -17.53 -12.40
N TYR A 195 -7.13 -18.58 -11.95
CA TYR A 195 -8.22 -18.35 -11.02
C TYR A 195 -7.70 -18.43 -9.58
N GLN A 196 -8.28 -17.62 -8.72
CA GLN A 196 -8.07 -17.71 -7.28
C GLN A 196 -9.21 -18.47 -6.65
N PRO A 197 -9.05 -18.97 -5.42
CA PRO A 197 -10.17 -19.70 -4.81
C PRO A 197 -11.47 -18.92 -4.80
N LYS A 198 -11.41 -17.60 -4.53
CA LYS A 198 -12.63 -16.81 -4.50
C LYS A 198 -13.29 -16.70 -5.88
N ASP A 199 -12.55 -16.97 -6.96
CA ASP A 199 -13.11 -16.88 -8.30
C ASP A 199 -13.95 -18.10 -8.69
N VAL A 200 -13.88 -19.20 -7.94
CA VAL A 200 -14.67 -20.40 -8.22
C VAL A 200 -16.10 -20.15 -7.75
N LEU A 201 -17.04 -20.11 -8.68
CA LEU A 201 -18.41 -19.72 -8.36
C LEU A 201 -19.39 -20.88 -8.43
N GLY A 202 -19.06 -21.96 -9.13
CA GLY A 202 -20.03 -23.03 -9.30
C GLY A 202 -19.36 -24.28 -9.80
N ILE A 203 -20.10 -25.39 -9.74
CA ILE A 203 -19.66 -26.69 -10.23
C ILE A 203 -20.50 -27.06 -11.45
N TYR A 204 -19.84 -27.40 -12.55
CA TYR A 204 -20.52 -27.73 -13.80
C TYR A 204 -21.12 -29.13 -13.76
N VAL A 205 -22.37 -29.27 -14.19
CA VAL A 205 -23.02 -30.57 -14.29
C VAL A 205 -23.62 -30.73 -15.69
N ASP A 206 -23.33 -31.85 -16.33
CA ASP A 206 -24.02 -32.24 -17.57
C ASP A 206 -25.15 -33.18 -17.15
N VAL A 207 -26.39 -32.69 -17.23
CA VAL A 207 -27.51 -33.46 -16.68
C VAL A 207 -27.80 -34.74 -17.44
N ASP A 208 -27.25 -34.91 -18.64
CA ASP A 208 -27.42 -36.15 -19.40
C ASP A 208 -26.39 -37.23 -19.05
N SER A 209 -25.41 -36.93 -18.20
CA SER A 209 -24.27 -37.81 -18.00
C SER A 209 -24.18 -38.30 -16.56
N PRO A 210 -24.42 -39.59 -16.29
CA PRO A 210 -24.19 -40.09 -14.91
C PRO A 210 -22.77 -39.90 -14.42
N ALA A 211 -21.78 -39.99 -15.31
CA ALA A 211 -20.40 -39.74 -14.91
C ALA A 211 -20.23 -38.30 -14.43
N SER A 212 -20.75 -37.34 -15.21
CA SER A 212 -20.66 -35.94 -14.82
C SER A 212 -21.27 -35.70 -13.44
N GLN A 213 -22.46 -36.26 -13.17
CA GLN A 213 -23.10 -35.99 -11.89
C GLN A 213 -22.35 -36.63 -10.74
N SER A 214 -21.84 -37.84 -10.93
CA SER A 214 -21.09 -38.48 -9.85
C SER A 214 -19.83 -37.70 -9.52
N LYS A 215 -19.13 -37.23 -10.56
CA LYS A 215 -17.91 -36.45 -10.35
C LYS A 215 -18.24 -35.10 -9.71
N ALA A 216 -19.34 -34.47 -10.14
CA ALA A 216 -19.71 -33.18 -9.59
C ALA A 216 -20.05 -33.28 -8.10
N ARG A 217 -20.75 -34.35 -7.69
CA ARG A 217 -21.05 -34.53 -6.27
C ARG A 217 -19.78 -34.66 -5.44
N GLU A 218 -18.76 -35.35 -5.97
CA GLU A 218 -17.54 -35.50 -5.18
C GLU A 218 -16.79 -34.19 -5.08
N LEU A 219 -16.71 -33.46 -6.19
CA LEU A 219 -16.00 -32.19 -6.21
C LEU A 219 -16.69 -31.18 -5.32
N GLN A 220 -18.01 -31.18 -5.32
CA GLN A 220 -18.73 -30.23 -4.48
C GLN A 220 -18.55 -30.56 -3.01
N GLN A 221 -18.48 -31.85 -2.66
CA GLN A 221 -18.30 -32.22 -1.26
C GLN A 221 -16.88 -31.90 -0.81
N ALA A 222 -15.90 -32.14 -1.68
CA ALA A 222 -14.51 -31.80 -1.37
C ALA A 222 -14.34 -30.31 -1.13
N MSE A 223 -14.94 -29.48 -1.98
CA MSE A 223 -14.91 -28.03 -1.80
C MSE A 223 -15.59 -27.59 -0.50
O MSE A 223 -15.12 -26.66 0.15
CB MSE A 223 -15.55 -27.33 -2.99
CG MSE A 223 -14.82 -27.53 -4.27
SE MSE A 223 -13.32 -26.28 -4.32
CE MSE A 223 -13.00 -26.32 -6.28
N ARG A 224 -16.72 -28.22 -0.14
CA ARG A 224 -17.39 -27.86 1.11
C ARG A 224 -16.51 -28.11 2.32
N GLU A 225 -15.75 -29.20 2.31
CA GLU A 225 -14.87 -29.51 3.43
C GLU A 225 -13.83 -28.42 3.67
N GLN A 226 -13.56 -27.59 2.67
CA GLN A 226 -12.64 -26.48 2.80
C GLN A 226 -13.34 -25.16 3.04
N GLY A 227 -14.67 -25.18 3.20
CA GLY A 227 -15.43 -23.96 3.40
C GLY A 227 -15.89 -23.28 2.14
N PHE A 228 -15.81 -23.95 0.99
CA PHE A 228 -16.25 -23.43 -0.30
C PHE A 228 -17.51 -24.19 -0.69
N ASP A 229 -18.66 -23.61 -0.38
CA ASP A 229 -19.97 -24.20 -0.67
C ASP A 229 -20.45 -23.66 -2.01
N LEU A 230 -20.46 -24.52 -3.05
CA LEU A 230 -20.72 -24.03 -4.40
C LEU A 230 -22.05 -24.56 -4.94
N PRO A 231 -22.78 -23.77 -5.71
CA PRO A 231 -23.98 -24.29 -6.38
C PRO A 231 -23.62 -25.17 -7.57
N PHE A 232 -24.50 -26.13 -7.88
CA PHE A 232 -24.38 -26.89 -9.12
C PHE A 232 -25.00 -26.08 -10.26
N ILE A 233 -24.31 -26.03 -11.40
CA ILE A 233 -24.74 -25.21 -12.53
C ILE A 233 -24.79 -26.09 -13.77
N ALA A 234 -25.97 -26.20 -14.38
CA ALA A 234 -26.11 -26.88 -15.65
C ALA A 234 -25.97 -25.84 -16.74
N TYR A 235 -24.84 -25.84 -17.44
CA TYR A 235 -24.66 -24.97 -18.59
C TYR A 235 -24.88 -25.78 -19.87
N ARG A 236 -25.62 -25.19 -20.80
CA ARG A 236 -25.57 -25.67 -22.18
C ARG A 236 -26.31 -24.68 -23.07
N GLY A 237 -25.76 -24.47 -24.27
CA GLY A 237 -26.50 -23.76 -25.30
C GLY A 237 -26.82 -22.33 -24.93
N GLY A 238 -25.94 -21.68 -24.18
CA GLY A 238 -26.16 -20.28 -23.85
C GLY A 238 -27.12 -20.04 -22.71
N ALA A 239 -27.43 -21.07 -21.92
CA ALA A 239 -28.23 -20.95 -20.71
C ALA A 239 -27.47 -21.59 -19.57
N ALA A 240 -27.48 -20.92 -18.42
CA ALA A 240 -26.86 -21.42 -17.19
C ALA A 240 -27.94 -21.51 -16.12
N GLN A 241 -28.19 -22.71 -15.62
CA GLN A 241 -29.31 -22.96 -14.72
C GLN A 241 -28.85 -23.75 -13.50
N GLU A 242 -29.45 -23.42 -12.36
CA GLU A 242 -29.06 -24.03 -11.11
C GLU A 242 -29.68 -25.42 -10.97
N LEU A 243 -28.91 -26.34 -10.38
CA LEU A 243 -29.41 -27.61 -9.88
C LEU A 243 -29.36 -27.60 -8.35
N ALA A 244 -30.49 -27.91 -7.71
CA ALA A 244 -30.54 -27.83 -6.25
C ALA A 244 -29.59 -28.83 -5.61
N SER A 245 -29.55 -30.07 -6.12
CA SER A 245 -28.59 -31.06 -5.68
C SER A 245 -28.32 -32.02 -6.82
N VAL A 246 -27.47 -33.02 -6.56
CA VAL A 246 -26.94 -33.93 -7.58
C VAL A 246 -26.17 -33.11 -8.62
N VAL B 7 -7.06 13.35 -25.47
CA VAL B 7 -6.74 12.68 -26.73
C VAL B 7 -5.22 12.47 -26.96
N PRO B 8 -4.39 13.53 -26.88
CA PRO B 8 -2.94 13.29 -26.91
C PRO B 8 -2.47 12.52 -25.70
N HIS B 9 -1.41 11.71 -25.91
CA HIS B 9 -0.99 10.76 -24.87
C HIS B 9 -0.52 11.47 -23.61
N GLU B 10 0.09 12.65 -23.76
CA GLU B 10 0.55 13.36 -22.57
C GLU B 10 -0.61 13.78 -21.67
N ILE B 11 -1.82 13.88 -22.22
CA ILE B 11 -2.94 14.36 -21.44
C ILE B 11 -3.77 13.17 -20.96
N THR B 12 -3.87 12.13 -21.77
CA THR B 12 -4.65 10.97 -21.33
C THR B 12 -3.85 10.10 -20.36
N GLY B 13 -2.54 10.02 -20.55
CA GLY B 13 -1.78 9.05 -19.80
C GLY B 13 -1.94 7.67 -20.40
N GLY B 14 -1.57 6.67 -19.60
CA GLY B 14 -1.53 5.31 -20.09
C GLY B 14 -2.89 4.74 -20.46
N ASN B 15 -2.84 3.55 -21.04
CA ASN B 15 -4.05 2.79 -21.35
C ASN B 15 -4.62 2.17 -20.07
N ARG B 16 -5.66 1.34 -20.23
CA ARG B 16 -6.38 0.81 -19.09
C ARG B 16 -5.48 -0.03 -18.19
N GLN B 17 -4.70 -0.93 -18.80
CA GLN B 17 -3.82 -1.81 -18.02
C GLN B 17 -2.75 -1.03 -17.28
N GLU B 18 -2.18 0.00 -17.93
CA GLU B 18 -1.16 0.81 -17.27
C GLU B 18 -1.74 1.59 -16.08
N LYS B 19 -2.99 2.07 -16.21
CA LYS B 19 -3.60 2.78 -15.10
C LYS B 19 -3.87 1.83 -13.94
N LEU B 20 -4.36 0.63 -14.26
CA LEU B 20 -4.56 -0.40 -13.25
C LEU B 20 -3.24 -0.75 -12.56
N ALA B 21 -2.18 -0.95 -13.33
CA ALA B 21 -0.88 -1.25 -12.72
C ALA B 21 -0.42 -0.13 -11.79
N GLN B 22 -0.59 1.12 -12.21
CA GLN B 22 -0.15 2.24 -11.38
C GLN B 22 -0.98 2.34 -10.10
N LEU B 23 -2.28 2.08 -10.22
CA LEU B 23 -3.18 2.11 -9.08
C LEU B 23 -2.75 1.12 -8.02
N MSE B 24 -2.52 -0.12 -8.42
CA MSE B 24 -2.19 -1.19 -7.48
C MSE B 24 -0.81 -0.95 -6.87
O MSE B 24 -0.60 -1.19 -5.70
CB MSE B 24 -2.26 -2.55 -8.18
CG MSE B 24 -3.70 -2.97 -8.57
SE MSE B 24 -4.96 -2.90 -7.03
CE MSE B 24 -6.65 -3.37 -7.93
N ARG B 25 0.12 -0.46 -7.70
CA ARG B 25 1.45 -0.06 -7.21
C ARG B 25 1.35 0.95 -6.08
N GLN B 26 0.54 2.00 -6.27
CA GLN B 26 0.38 3.01 -5.24
C GLN B 26 -0.40 2.48 -4.04
N PHE B 27 -1.48 1.73 -4.28
CA PHE B 27 -2.29 1.20 -3.17
C PHE B 27 -1.44 0.37 -2.22
N GLU B 28 -0.54 -0.46 -2.75
CA GLU B 28 0.26 -1.34 -1.93
C GLU B 28 1.50 -0.66 -1.37
N SER B 29 1.79 0.58 -1.76
CA SER B 29 2.94 1.29 -1.20
C SER B 29 2.44 2.42 -0.32
N GLY B 30 2.56 3.66 -0.78
CA GLY B 30 2.19 4.77 0.07
C GLY B 30 0.73 5.16 0.05
N GLY B 31 -0.11 4.50 -0.74
CA GLY B 31 -1.53 4.84 -0.76
C GLY B 31 -1.86 5.78 -1.91
N LEU B 32 -3.14 6.16 -1.96
CA LEU B 32 -3.65 7.07 -2.97
C LEU B 32 -5.03 7.57 -2.54
N TYR B 33 -5.83 8.08 -3.47
CA TYR B 33 -7.07 8.75 -3.12
C TYR B 33 -8.27 8.04 -3.73
N LEU B 34 -9.43 8.20 -3.07
CA LEU B 34 -10.71 7.75 -3.59
C LEU B 34 -11.72 8.85 -3.31
N ARG B 35 -12.30 9.39 -4.38
CA ARG B 35 -13.31 10.44 -4.28
C ARG B 35 -14.66 9.83 -4.66
N THR B 36 -15.58 9.75 -3.71
CA THR B 36 -16.93 9.35 -4.07
C THR B 36 -17.69 10.58 -4.56
N VAL B 37 -18.73 10.36 -5.36
CA VAL B 37 -19.51 11.48 -5.89
C VAL B 37 -20.99 11.15 -5.77
N SER B 38 -21.79 12.16 -5.41
CA SER B 38 -23.22 11.92 -5.35
C SER B 38 -23.87 12.00 -6.71
N ASP B 39 -23.22 12.67 -7.68
CA ASP B 39 -23.79 12.96 -8.99
C ASP B 39 -22.65 12.74 -9.98
N HIS B 40 -22.53 11.53 -10.49
CA HIS B 40 -21.39 11.27 -11.37
C HIS B 40 -21.52 12.02 -12.68
N ARG B 41 -22.75 12.36 -13.09
CA ARG B 41 -22.90 13.14 -14.33
C ARG B 41 -22.38 14.55 -14.15
N ASP B 42 -22.59 15.12 -12.96
CA ASP B 42 -22.00 16.42 -12.66
C ASP B 42 -20.48 16.32 -12.55
N GLU B 43 -19.96 15.32 -11.83
CA GLU B 43 -18.50 15.23 -11.73
C GLU B 43 -17.87 15.17 -13.11
N PHE B 44 -18.42 14.33 -13.98
CA PHE B 44 -17.89 14.22 -15.34
C PHE B 44 -18.01 15.54 -16.07
N GLU B 45 -19.22 16.10 -16.12
CA GLU B 45 -19.44 17.26 -16.97
C GLU B 45 -18.85 18.54 -16.38
N ASN B 46 -18.83 18.68 -15.06
CA ASN B 46 -18.49 19.97 -14.47
C ASN B 46 -17.22 19.97 -13.63
N THR B 47 -16.58 18.82 -13.42
CA THR B 47 -15.24 18.78 -12.87
C THR B 47 -14.24 18.24 -13.88
N PHE B 48 -14.46 17.01 -14.36
CA PHE B 48 -13.48 16.35 -15.22
C PHE B 48 -13.36 17.08 -16.55
N MSE B 49 -14.48 17.38 -17.21
CA MSE B 49 -14.37 17.96 -18.55
C MSE B 49 -13.73 19.36 -18.56
O MSE B 49 -12.93 19.64 -19.46
CB MSE B 49 -15.74 17.98 -19.25
CG MSE B 49 -16.20 16.59 -19.70
SE MSE B 49 -14.97 15.69 -20.97
CE MSE B 49 -15.14 16.88 -22.46
N PRO B 50 -14.06 20.24 -17.62
CA PRO B 50 -13.32 21.52 -17.57
C PRO B 50 -11.82 21.34 -17.36
N LYS B 51 -11.40 20.32 -16.61
CA LYS B 51 -9.97 20.07 -16.43
C LYS B 51 -9.35 19.58 -17.73
N LEU B 52 -10.04 18.69 -18.44
CA LEU B 52 -9.57 18.29 -19.76
C LEU B 52 -9.52 19.48 -20.69
N ASP B 53 -10.58 20.30 -20.67
CA ASP B 53 -10.65 21.45 -21.58
C ASP B 53 -9.49 22.40 -21.30
N ALA B 54 -9.15 22.55 -20.02
CA ALA B 54 -8.05 23.43 -19.63
C ALA B 54 -6.69 22.86 -20.03
N CYS B 55 -6.52 21.53 -19.93
CA CYS B 55 -5.30 20.90 -20.44
C CYS B 55 -5.11 21.17 -21.93
N LEU B 56 -6.20 21.32 -22.68
CA LEU B 56 -6.20 21.49 -24.12
C LEU B 56 -6.28 22.95 -24.55
N GLY B 57 -6.19 23.89 -23.60
CA GLY B 57 -6.08 25.29 -23.96
C GLY B 57 -7.38 26.08 -24.05
N HIS B 58 -8.54 25.46 -23.83
CA HIS B 58 -9.79 26.20 -23.80
C HIS B 58 -10.36 26.17 -22.39
N GLY B 59 -10.78 27.32 -21.89
CA GLY B 59 -11.40 27.39 -20.57
C GLY B 59 -10.45 27.01 -19.46
N CYS B 60 -11.00 26.93 -18.25
CA CYS B 60 -10.15 26.73 -17.09
C CYS B 60 -10.83 25.83 -16.07
N ASP B 61 -9.99 25.27 -15.21
CA ASP B 61 -10.39 24.41 -14.12
C ASP B 61 -10.87 25.33 -13.01
N GLU B 62 -12.18 25.61 -13.01
CA GLU B 62 -12.76 26.59 -12.06
C GLU B 62 -12.89 25.99 -10.67
N ARG B 63 -13.33 24.74 -10.57
CA ARG B 63 -13.53 24.13 -9.26
C ARG B 63 -12.18 23.81 -8.61
N TYR B 64 -11.27 23.23 -9.39
CA TYR B 64 -9.87 23.00 -9.04
C TYR B 64 -9.66 21.99 -7.91
N TRP B 65 -10.18 22.27 -6.70
CA TRP B 65 -9.99 21.42 -5.52
C TRP B 65 -11.22 20.54 -5.27
N SER B 66 -10.99 19.24 -5.02
CA SER B 66 -12.06 18.28 -4.75
C SER B 66 -11.74 17.52 -3.46
N SER B 67 -12.78 17.10 -2.74
CA SER B 67 -12.61 16.26 -1.56
C SER B 67 -12.38 14.81 -1.94
N ALA B 68 -11.51 14.13 -1.20
CA ALA B 68 -11.26 12.71 -1.39
C ALA B 68 -10.79 12.09 -0.09
N THR B 69 -10.95 10.77 0.03
CA THR B 69 -10.47 10.01 1.16
C THR B 69 -9.18 9.29 0.78
N PHE B 70 -8.29 9.12 1.77
CA PHE B 70 -7.04 8.41 1.57
C PHE B 70 -7.31 6.92 1.68
N ILE B 71 -6.79 6.15 0.72
CA ILE B 71 -6.92 4.69 0.80
C ILE B 71 -5.55 4.07 0.65
N GLN B 72 -5.36 2.90 1.27
CA GLN B 72 -4.08 2.21 1.31
C GLN B 72 -4.33 0.76 1.68
N GLN B 73 -3.56 -0.16 1.10
CA GLN B 73 -3.69 -1.56 1.48
C GLN B 73 -3.49 -1.74 2.98
N GLY B 74 -4.41 -2.49 3.62
CA GLY B 74 -4.32 -2.75 5.04
C GLY B 74 -4.96 -1.70 5.94
N LEU B 75 -5.33 -0.55 5.40
CA LEU B 75 -6.02 0.49 6.16
C LEU B 75 -7.53 0.27 6.00
N ASN B 76 -8.20 -0.12 7.09
CA ASN B 76 -9.63 -0.44 7.06
C ASN B 76 -10.44 0.87 7.10
N GLY B 77 -10.35 1.62 6.00
CA GLY B 77 -10.95 2.94 5.91
C GLY B 77 -12.29 2.90 5.21
N LYS B 78 -13.27 3.56 5.81
CA LYS B 78 -14.54 3.77 5.12
C LYS B 78 -14.44 4.93 4.13
N VAL B 79 -15.34 4.90 3.13
CA VAL B 79 -15.45 6.02 2.22
C VAL B 79 -16.75 6.75 2.53
N HIS B 80 -16.85 7.96 2.03
CA HIS B 80 -18.04 8.78 2.25
C HIS B 80 -19.13 8.29 1.31
N ASP B 81 -20.16 7.62 1.85
CA ASP B 81 -21.22 7.11 0.98
C ASP B 81 -22.37 6.78 1.92
N PRO B 82 -23.11 7.78 2.38
CA PRO B 82 -24.06 7.55 3.48
C PRO B 82 -25.19 6.58 3.16
N HIS B 83 -25.57 6.43 1.89
CA HIS B 83 -26.60 5.48 1.52
C HIS B 83 -26.03 4.26 0.81
N ALA B 84 -24.71 4.12 0.82
CA ALA B 84 -23.99 3.01 0.18
C ALA B 84 -24.49 2.78 -1.24
N ASP B 85 -24.54 3.87 -2.02
CA ASP B 85 -25.07 3.75 -3.38
C ASP B 85 -24.33 4.64 -4.38
N ARG B 86 -23.09 5.03 -4.10
CA ARG B 86 -22.35 5.97 -4.94
C ARG B 86 -21.30 5.25 -5.77
N THR B 87 -20.95 5.85 -6.92
CA THR B 87 -19.71 5.50 -7.59
C THR B 87 -18.66 6.56 -7.21
N GLY B 88 -17.56 6.59 -7.94
CA GLY B 88 -16.54 7.58 -7.66
C GLY B 88 -15.28 7.30 -8.47
N LEU B 89 -14.21 8.01 -8.11
CA LEU B 89 -12.95 7.99 -8.85
C LEU B 89 -11.82 7.55 -7.93
N ILE B 90 -11.03 6.58 -8.39
CA ILE B 90 -9.73 6.29 -7.77
C ILE B 90 -8.70 7.21 -8.42
N ILE B 91 -7.96 7.95 -7.60
CA ILE B 91 -7.15 9.07 -8.06
C ILE B 91 -5.72 8.90 -7.58
N SER B 92 -4.77 9.04 -8.51
CA SER B 92 -3.34 8.86 -8.26
C SER B 92 -2.82 9.71 -7.11
N ALA B 93 -1.89 9.12 -6.35
CA ALA B 93 -1.17 9.84 -5.31
C ALA B 93 -0.43 11.07 -5.82
N ASP B 94 -0.21 11.15 -7.14
CA ASP B 94 0.45 12.29 -7.75
C ASP B 94 -0.48 13.50 -7.92
N ALA B 95 -1.78 13.38 -7.64
CA ALA B 95 -2.62 14.58 -7.65
C ALA B 95 -2.09 15.57 -6.63
N ARG B 96 -2.24 16.85 -6.92
CA ARG B 96 -1.71 17.88 -6.02
C ARG B 96 -2.48 17.89 -4.71
N LEU B 97 -1.76 17.91 -3.59
CA LEU B 97 -2.39 17.87 -2.28
C LEU B 97 -2.52 19.27 -1.70
N GLY B 98 -3.74 19.64 -1.31
CA GLY B 98 -4.00 20.92 -0.71
C GLY B 98 -4.20 20.84 0.79
N GLY B 99 -4.11 19.65 1.38
CA GLY B 99 -4.26 19.47 2.81
C GLY B 99 -5.02 18.19 3.10
N PHE B 100 -4.66 17.54 4.21
CA PHE B 100 -5.26 16.29 4.61
C PHE B 100 -5.60 16.38 6.10
N SER B 101 -6.83 16.01 6.44
CA SER B 101 -7.27 15.95 7.83
C SER B 101 -7.81 14.56 8.09
N THR B 102 -7.66 14.01 9.30
CA THR B 102 -8.16 12.65 9.59
C THR B 102 -9.67 12.70 9.83
N PHE B 103 -10.19 13.91 9.95
CA PHE B 103 -11.62 14.09 10.27
C PHE B 103 -12.38 14.75 9.13
N ASP B 104 -13.69 14.53 9.12
CA ASP B 104 -14.55 15.18 8.12
C ASP B 104 -15.16 16.37 8.85
N ALA B 105 -14.49 17.49 8.76
CA ALA B 105 -14.96 18.73 9.36
C ALA B 105 -15.84 19.56 8.42
N ALA B 106 -15.80 20.89 8.58
CA ALA B 106 -16.66 21.80 7.82
C ALA B 106 -15.97 22.46 6.64
N THR B 107 -14.71 22.11 6.35
CA THR B 107 -13.99 22.70 5.23
C THR B 107 -14.78 22.51 3.93
N ALA B 108 -14.93 23.60 3.17
CA ALA B 108 -15.83 23.65 2.03
C ALA B 108 -15.06 23.68 0.70
N ASN B 109 -15.77 24.02 -0.38
CA ASN B 109 -15.13 24.19 -1.70
C ASN B 109 -14.69 25.63 -1.89
N VAL B 110 -14.09 25.94 -3.04
CA VAL B 110 -13.51 27.26 -3.27
C VAL B 110 -14.65 28.27 -3.43
N PRO B 111 -14.72 29.30 -2.59
CA PRO B 111 -15.85 30.23 -2.68
C PRO B 111 -15.83 31.02 -3.98
N SER B 112 -17.04 31.28 -4.49
CA SER B 112 -17.19 32.03 -5.73
C SER B 112 -16.44 33.34 -5.65
N GLY B 113 -15.62 33.60 -6.67
CA GLY B 113 -14.90 34.84 -6.75
C GLY B 113 -13.41 34.75 -6.44
N LEU B 114 -12.98 33.72 -5.73
CA LEU B 114 -11.59 33.67 -5.27
C LEU B 114 -10.75 32.91 -6.29
N GLU B 115 -9.47 33.26 -6.38
CA GLU B 115 -8.58 32.48 -7.23
C GLU B 115 -8.48 31.06 -6.71
N PRO B 116 -8.85 30.05 -7.50
CA PRO B 116 -9.02 28.71 -6.92
C PRO B 116 -7.74 27.93 -6.71
N SER B 117 -6.71 28.13 -7.54
CA SER B 117 -5.59 27.20 -7.53
C SER B 117 -4.78 27.28 -6.23
N GLN B 118 -4.73 28.44 -5.58
CA GLN B 118 -4.02 28.56 -4.32
C GLN B 118 -4.96 28.82 -3.14
N TYR B 119 -6.25 28.54 -3.31
CA TYR B 119 -7.16 28.68 -2.18
C TYR B 119 -6.70 27.81 -1.02
N PHE B 120 -6.43 26.56 -1.28
CA PHE B 120 -5.69 25.65 -0.42
C PHE B 120 -4.24 25.54 -0.91
N PRO B 121 -3.26 25.31 -0.04
CA PRO B 121 -3.39 24.99 1.40
C PRO B 121 -3.63 26.20 2.29
N GLY B 122 -3.58 27.41 1.74
CA GLY B 122 -3.65 28.61 2.58
C GLY B 122 -4.86 28.64 3.49
N GLN B 123 -6.02 28.22 2.97
CA GLN B 123 -7.26 28.22 3.74
C GLN B 123 -7.65 26.84 4.26
N PHE B 124 -6.75 25.90 4.25
CA PHE B 124 -7.00 24.60 4.86
C PHE B 124 -6.64 24.67 6.33
N PRO B 125 -7.50 24.20 7.24
CA PRO B 125 -7.19 24.33 8.67
C PRO B 125 -5.92 23.56 9.03
N LYS B 126 -5.07 24.20 9.82
CA LYS B 126 -3.81 23.58 10.19
C LYS B 126 -3.97 22.54 11.30
N PHE B 127 -5.09 22.58 12.01
CA PHE B 127 -5.44 21.57 13.01
C PHE B 127 -6.95 21.46 13.08
N ASP B 128 -7.44 20.33 13.61
CA ASP B 128 -8.88 20.14 13.79
C ASP B 128 -9.28 20.73 15.13
N MSE B 129 -10.06 21.80 15.07
CA MSE B 129 -10.42 22.57 16.23
C MSE B 129 -11.28 21.74 17.19
O MSE B 129 -11.07 21.75 18.39
CB MSE B 129 -11.10 23.84 15.76
CG MSE B 129 -11.18 24.95 16.77
SE MSE B 129 -11.65 26.58 15.87
CE MSE B 129 -13.16 25.93 14.81
N MSE B 130 -12.24 20.97 16.65
CA MSE B 130 -13.09 20.12 17.50
C MSE B 130 -12.28 19.02 18.21
O MSE B 130 -12.42 18.81 19.42
CB MSE B 130 -14.22 19.47 16.70
CG MSE B 130 -15.05 20.46 15.88
SE MSE B 130 -15.79 21.86 17.04
CE MSE B 130 -16.41 23.06 15.62
N GLY B 131 -11.44 18.32 17.45
CA GLY B 131 -10.62 17.28 18.05
C GLY B 131 -9.65 17.83 19.08
N ALA B 132 -8.97 18.93 18.74
CA ALA B 132 -8.03 19.54 19.68
C ALA B 132 -8.72 19.99 20.96
N TYR B 133 -9.96 20.50 20.85
CA TYR B 133 -10.64 20.97 22.05
C TYR B 133 -11.04 19.82 22.96
N GLN B 134 -11.43 18.69 22.39
CA GLN B 134 -11.70 17.53 23.24
C GLN B 134 -10.47 17.13 24.04
N ALA B 135 -9.28 17.32 23.46
CA ALA B 135 -8.05 16.86 24.11
C ALA B 135 -7.51 17.88 25.10
N THR B 136 -7.55 19.17 24.76
CA THR B 136 -6.94 20.19 25.58
C THR B 136 -7.90 20.88 26.55
N TRP B 137 -9.21 20.85 26.27
CA TRP B 137 -10.23 21.60 27.00
C TRP B 137 -9.95 23.11 27.05
N ASN B 138 -9.10 23.64 26.17
CA ASN B 138 -8.74 25.06 26.24
C ASN B 138 -9.62 25.84 25.28
N GLU B 139 -10.66 26.48 25.82
CA GLU B 139 -11.57 27.24 24.97
C GLU B 139 -10.89 28.39 24.24
N ASP B 140 -9.61 28.68 24.57
CA ASP B 140 -8.83 29.63 23.81
C ASP B 140 -8.70 29.22 22.34
N ILE B 141 -8.84 27.93 22.07
CA ILE B 141 -8.72 27.37 20.73
C ILE B 141 -9.65 28.07 19.75
N PHE B 142 -10.82 28.51 20.21
CA PHE B 142 -11.83 28.98 19.28
C PHE B 142 -11.65 30.44 18.88
N SER B 143 -10.76 31.17 19.54
CA SER B 143 -10.41 32.54 19.15
C SER B 143 -9.32 32.58 18.09
N VAL B 144 -8.75 31.45 17.72
CA VAL B 144 -7.65 31.40 16.77
C VAL B 144 -8.17 31.04 15.40
N ASP B 145 -7.58 31.62 14.36
CA ASP B 145 -7.86 31.25 12.97
C ASP B 145 -7.02 30.03 12.62
N ALA B 146 -7.66 28.86 12.58
CA ALA B 146 -6.91 27.61 12.39
C ALA B 146 -6.25 27.50 11.01
N THR B 147 -6.65 28.31 10.03
CA THR B 147 -5.93 28.31 8.76
C THR B 147 -4.63 29.09 8.81
N ALA B 148 -4.36 29.81 9.90
CA ALA B 148 -3.27 30.78 9.89
C ALA B 148 -2.25 30.58 11.02
N VAL B 149 -2.27 29.45 11.73
CA VAL B 149 -1.35 29.21 12.84
C VAL B 149 -0.07 28.55 12.36
N SER B 150 1.03 28.88 13.02
CA SER B 150 2.32 28.23 12.80
C SER B 150 2.48 27.05 13.75
N GLU B 151 3.53 26.25 13.50
CA GLU B 151 3.87 25.17 14.42
C GLU B 151 4.10 25.70 15.83
N GLN B 152 4.76 26.86 15.96
CA GLN B 152 5.02 27.43 17.27
C GLN B 152 3.73 27.76 18.00
N GLN B 153 2.78 28.42 17.32
CA GLN B 153 1.51 28.74 17.98
C GLN B 153 0.78 27.45 18.37
N MSE B 154 0.70 26.49 17.47
CA MSE B 154 0.05 25.23 17.82
C MSE B 154 0.74 24.55 19.02
O MSE B 154 0.08 23.93 19.86
CB MSE B 154 0.02 24.29 16.62
CG MSE B 154 -1.04 24.69 15.61
SE MSE B 154 -1.20 23.43 14.12
CE MSE B 154 0.53 23.73 13.21
N ASP B 155 2.06 24.69 19.11
CA ASP B 155 2.78 24.15 20.26
C ASP B 155 2.39 24.87 21.54
N GLU B 156 2.27 26.21 21.47
CA GLU B 156 1.81 26.95 22.64
C GLU B 156 0.36 26.66 23.00
N LEU B 157 -0.50 26.34 22.01
CA LEU B 157 -1.86 25.93 22.40
C LEU B 157 -1.92 24.50 22.95
N GLY B 158 -0.80 23.77 22.97
CA GLY B 158 -0.83 22.37 23.36
C GLY B 158 -1.56 21.46 22.41
N ILE B 159 -1.62 21.79 21.12
CA ILE B 159 -2.40 20.94 20.23
C ILE B 159 -1.62 19.66 19.96
N PRO B 160 -2.15 18.49 20.30
CA PRO B 160 -1.42 17.24 20.03
C PRO B 160 -1.29 16.98 18.54
N ASP B 161 -0.18 16.33 18.17
CA ASP B 161 0.12 16.13 16.75
C ASP B 161 -0.94 15.29 16.05
N GLU B 162 -1.65 14.46 16.81
CA GLU B 162 -2.75 13.66 16.26
C GLU B 162 -3.78 14.54 15.56
N TYR B 163 -3.99 15.77 16.03
CA TYR B 163 -5.04 16.61 15.48
C TYR B 163 -4.53 17.62 14.46
N ARG B 164 -3.25 17.56 14.10
CA ARG B 164 -2.68 18.52 13.16
C ARG B 164 -2.80 17.98 11.74
N SER B 165 -3.15 18.88 10.81
CA SER B 165 -3.33 18.54 9.40
C SER B 165 -1.98 18.17 8.76
N VAL B 166 -2.07 17.48 7.62
CA VAL B 166 -0.91 17.01 6.88
C VAL B 166 -0.89 17.69 5.52
N PHE B 167 0.29 18.13 5.08
CA PHE B 167 0.39 18.82 3.79
C PHE B 167 1.39 18.19 2.82
N ASP B 168 2.09 17.14 3.24
CA ASP B 168 3.00 16.38 2.40
C ASP B 168 2.39 15.00 2.21
N PHE B 169 2.16 14.60 0.96
CA PHE B 169 1.49 13.32 0.74
C PHE B 169 2.21 12.19 1.46
N ASP B 170 3.54 12.22 1.47
CA ASP B 170 4.27 11.10 2.02
C ASP B 170 4.10 10.99 3.53
N ARG B 171 3.62 12.05 4.17
CA ARG B 171 3.36 11.99 5.61
C ARG B 171 1.93 11.52 5.93
N ILE B 172 1.08 11.32 4.93
CA ILE B 172 -0.28 10.84 5.20
C ILE B 172 -0.23 9.43 5.77
N GLN B 173 0.55 8.54 5.14
CA GLN B 173 0.55 7.16 5.64
C GLN B 173 1.12 7.08 7.05
N GLU B 174 2.07 7.96 7.40
CA GLU B 174 2.55 8.01 8.79
C GLU B 174 1.43 8.42 9.73
N LYS B 175 0.66 9.44 9.36
CA LYS B 175 -0.48 9.81 10.18
C LYS B 175 -1.47 8.67 10.34
N MSE B 176 -1.58 7.80 9.33
CA MSE B 176 -2.63 6.78 9.40
C MSE B 176 -2.00 5.44 9.89
O MSE B 176 -2.68 4.40 9.88
CB MSE B 176 -3.30 6.56 8.04
CG MSE B 176 -4.00 7.80 7.61
SE MSE B 176 -5.34 8.51 8.82
CE MSE B 176 -6.71 7.13 8.75
N ALA B 177 -0.76 5.49 10.38
CA ALA B 177 -0.02 4.24 10.65
C ALA B 177 -0.68 3.43 11.76
N GLN B 178 -1.16 4.10 12.83
CA GLN B 178 -1.73 3.34 13.94
C GLN B 178 -3.07 2.70 13.55
N PRO B 179 -4.04 3.43 12.97
CA PRO B 179 -5.26 2.75 12.49
C PRO B 179 -4.98 1.59 11.54
N ARG B 180 -3.97 1.76 10.67
CA ARG B 180 -3.64 0.70 9.72
C ARG B 180 -3.21 -0.57 10.44
N LEU B 181 -2.26 -0.45 11.36
CA LEU B 181 -1.80 -1.60 12.10
C LEU B 181 -2.92 -2.24 12.91
N ALA B 182 -3.82 -1.42 13.48
CA ALA B 182 -4.84 -1.96 14.38
C ALA B 182 -5.96 -2.69 13.65
N GLY B 183 -6.13 -2.46 12.35
CA GLY B 183 -7.22 -3.08 11.61
C GLY B 183 -8.60 -2.56 11.95
N ARG B 184 -8.69 -1.54 12.80
CA ARG B 184 -9.98 -0.98 13.18
C ARG B 184 -10.54 -0.11 12.07
N GLU B 185 -11.86 -0.17 11.91
CA GLU B 185 -12.53 0.63 10.89
C GLU B 185 -12.45 2.10 11.27
N VAL B 186 -12.10 2.96 10.32
CA VAL B 186 -11.96 4.38 10.59
C VAL B 186 -12.89 5.15 9.66
N GLU B 187 -13.46 6.23 10.19
CA GLU B 187 -14.37 7.07 9.43
C GLU B 187 -13.63 7.69 8.24
N PRO B 188 -14.36 8.18 7.26
CA PRO B 188 -13.71 8.74 6.07
C PRO B 188 -12.78 9.88 6.44
N THR B 189 -11.56 9.82 5.92
CA THR B 189 -10.65 10.95 6.03
C THR B 189 -10.91 11.90 4.88
N GLU B 190 -10.33 13.10 4.95
CA GLU B 190 -10.60 14.08 3.91
C GLU B 190 -9.33 14.80 3.52
N ALA B 191 -8.95 14.66 2.25
CA ALA B 191 -7.93 15.49 1.64
C ALA B 191 -8.61 16.39 0.62
N LYS B 192 -8.03 17.58 0.41
CA LYS B 192 -8.36 18.42 -0.73
C LYS B 192 -7.27 18.22 -1.77
N ILE B 193 -7.67 17.81 -2.98
CA ILE B 193 -6.74 17.46 -4.03
C ILE B 193 -7.17 18.13 -5.33
N CYS B 194 -6.20 18.38 -6.19
CA CYS B 194 -6.48 18.84 -7.55
C CYS B 194 -6.02 17.73 -8.48
N TYR B 195 -6.97 16.98 -9.03
CA TYR B 195 -6.61 15.91 -9.94
C TYR B 195 -6.59 16.45 -11.35
N GLN B 196 -5.64 15.96 -12.14
CA GLN B 196 -5.66 16.14 -13.59
C GLN B 196 -6.32 14.94 -14.23
N PRO B 197 -6.70 15.06 -15.52
CA PRO B 197 -7.34 13.92 -16.18
C PRO B 197 -6.52 12.65 -16.12
N LYS B 198 -5.22 12.74 -16.33
CA LYS B 198 -4.38 11.55 -16.27
C LYS B 198 -4.27 10.98 -14.85
N ASP B 199 -4.64 11.75 -13.82
CA ASP B 199 -4.62 11.22 -12.45
C ASP B 199 -5.77 10.26 -12.15
N VAL B 200 -6.84 10.26 -12.94
CA VAL B 200 -7.94 9.34 -12.68
C VAL B 200 -7.50 7.94 -13.08
N LEU B 201 -7.37 7.03 -12.11
CA LEU B 201 -6.84 5.70 -12.40
C LEU B 201 -7.92 4.62 -12.43
N GLY B 202 -9.07 4.86 -11.83
CA GLY B 202 -10.09 3.82 -11.79
C GLY B 202 -11.43 4.41 -11.43
N ILE B 203 -12.46 3.58 -11.58
CA ILE B 203 -13.84 3.91 -11.26
C ILE B 203 -14.26 3.06 -10.07
N TYR B 204 -14.75 3.71 -9.02
CA TYR B 204 -15.13 2.98 -7.80
C TYR B 204 -16.46 2.28 -7.97
N VAL B 205 -16.51 1.01 -7.52
CA VAL B 205 -17.73 0.20 -7.53
C VAL B 205 -17.96 -0.36 -6.14
N ASP B 206 -19.17 -0.15 -5.60
CA ASP B 206 -19.63 -0.87 -4.41
C ASP B 206 -20.35 -2.12 -4.89
N VAL B 207 -19.71 -3.28 -4.75
CA VAL B 207 -20.23 -4.54 -5.29
C VAL B 207 -21.53 -4.95 -4.62
N ASP B 208 -21.92 -4.30 -3.53
CA ASP B 208 -23.14 -4.65 -2.82
C ASP B 208 -24.32 -3.78 -3.23
N SER B 209 -24.13 -2.87 -4.18
CA SER B 209 -25.11 -1.84 -4.51
C SER B 209 -25.38 -1.83 -6.01
N PRO B 210 -26.56 -2.26 -6.44
CA PRO B 210 -26.88 -2.15 -7.89
C PRO B 210 -26.82 -0.72 -8.40
N ALA B 211 -27.13 0.25 -7.54
CA ALA B 211 -27.03 1.66 -7.92
C ALA B 211 -25.59 2.03 -8.24
N SER B 212 -24.67 1.66 -7.34
CA SER B 212 -23.26 1.98 -7.58
C SER B 212 -22.75 1.34 -8.87
N GLN B 213 -23.12 0.07 -9.10
CA GLN B 213 -22.67 -0.64 -10.29
C GLN B 213 -23.18 0.03 -11.55
N SER B 214 -24.44 0.47 -11.52
CA SER B 214 -25.07 1.08 -12.69
C SER B 214 -24.49 2.48 -12.95
N LYS B 215 -24.31 3.26 -11.91
CA LYS B 215 -23.65 4.56 -12.05
C LYS B 215 -22.24 4.42 -12.56
N ALA B 216 -21.49 3.44 -12.02
CA ALA B 216 -20.13 3.20 -12.48
C ALA B 216 -20.09 2.84 -13.96
N ARG B 217 -21.03 1.99 -14.41
CA ARG B 217 -21.08 1.66 -15.84
C ARG B 217 -21.24 2.90 -16.69
N GLU B 218 -22.14 3.80 -16.28
CA GLU B 218 -22.38 5.00 -17.07
C GLU B 218 -21.17 5.93 -17.05
N LEU B 219 -20.53 6.09 -15.90
CA LEU B 219 -19.36 6.96 -15.81
C LEU B 219 -18.20 6.40 -16.64
N GLN B 220 -17.96 5.09 -16.55
CA GLN B 220 -16.84 4.49 -17.27
C GLN B 220 -17.02 4.64 -18.78
N GLN B 221 -18.26 4.55 -19.28
CA GLN B 221 -18.50 4.72 -20.71
C GLN B 221 -18.30 6.17 -21.14
N ALA B 222 -18.82 7.12 -20.36
CA ALA B 222 -18.58 8.54 -20.67
C ALA B 222 -17.09 8.85 -20.75
N MSE B 223 -16.29 8.24 -19.88
CA MSE B 223 -14.84 8.44 -19.89
C MSE B 223 -14.19 7.83 -21.12
O MSE B 223 -13.36 8.47 -21.78
CB MSE B 223 -14.22 7.81 -18.65
CG MSE B 223 -14.67 8.49 -17.44
SE MSE B 223 -13.70 10.11 -17.11
CE MSE B 223 -13.92 9.82 -15.22
N ARG B 224 -14.59 6.59 -21.40
CA ARG B 224 -14.11 5.91 -22.61
C ARG B 224 -14.37 6.73 -23.86
N GLU B 225 -15.56 7.31 -23.98
CA GLU B 225 -15.89 8.13 -25.15
C GLU B 225 -14.88 9.25 -25.34
N GLN B 226 -14.30 9.76 -24.25
CA GLN B 226 -13.38 10.88 -24.32
C GLN B 226 -11.93 10.43 -24.43
N GLY B 227 -11.67 9.13 -24.54
CA GLY B 227 -10.31 8.63 -24.66
C GLY B 227 -9.68 8.15 -23.36
N PHE B 228 -10.46 7.98 -22.29
CA PHE B 228 -9.95 7.58 -20.98
C PHE B 228 -10.56 6.24 -20.63
N ASP B 229 -9.84 5.16 -20.91
CA ASP B 229 -10.33 3.81 -20.65
C ASP B 229 -9.83 3.40 -19.27
N LEU B 230 -10.76 3.21 -18.32
CA LEU B 230 -10.42 3.03 -16.91
C LEU B 230 -10.96 1.70 -16.38
N PRO B 231 -10.21 1.03 -15.48
CA PRO B 231 -10.74 -0.18 -14.86
C PRO B 231 -11.76 0.11 -13.77
N PHE B 232 -12.68 -0.84 -13.59
CA PHE B 232 -13.58 -0.86 -12.44
C PHE B 232 -12.84 -1.40 -11.23
N ILE B 233 -12.92 -0.69 -10.10
CA ILE B 233 -12.17 -1.05 -8.89
C ILE B 233 -13.16 -1.22 -7.74
N ALA B 234 -13.18 -2.41 -7.16
CA ALA B 234 -13.88 -2.63 -5.91
C ALA B 234 -12.91 -2.30 -4.78
N TYR B 235 -13.28 -1.34 -3.93
CA TYR B 235 -12.47 -1.05 -2.75
C TYR B 235 -13.34 -1.31 -1.51
N ARG B 236 -12.79 -2.03 -0.54
CA ARG B 236 -13.46 -2.14 0.75
C ARG B 236 -12.46 -2.59 1.80
N GLY B 237 -12.51 -1.96 2.97
CA GLY B 237 -11.75 -2.46 4.11
C GLY B 237 -10.27 -2.64 3.88
N GLY B 238 -9.61 -1.70 3.19
CA GLY B 238 -8.18 -1.84 2.98
C GLY B 238 -7.78 -2.84 1.91
N ALA B 239 -8.71 -3.26 1.07
CA ALA B 239 -8.40 -4.15 -0.03
C ALA B 239 -9.06 -3.61 -1.29
N ALA B 240 -8.40 -3.82 -2.42
CA ALA B 240 -8.93 -3.31 -3.68
C ALA B 240 -8.73 -4.39 -4.73
N GLN B 241 -9.74 -4.56 -5.58
CA GLN B 241 -9.73 -5.60 -6.61
C GLN B 241 -10.28 -5.03 -7.91
N GLU B 242 -9.62 -5.37 -9.02
CA GLU B 242 -10.16 -5.05 -10.33
C GLU B 242 -11.40 -5.88 -10.61
N LEU B 243 -12.44 -5.25 -11.15
CA LEU B 243 -13.63 -5.97 -11.61
C LEU B 243 -13.67 -5.96 -13.13
N ALA B 244 -13.74 -7.15 -13.72
CA ALA B 244 -13.71 -7.24 -15.17
C ALA B 244 -15.02 -6.74 -15.78
N SER B 245 -16.14 -6.96 -15.11
CA SER B 245 -17.44 -6.47 -15.53
C SER B 245 -18.20 -5.99 -14.31
N VAL B 246 -18.85 -4.83 -14.42
CA VAL B 246 -19.46 -4.16 -13.28
C VAL B 246 -20.22 -2.92 -13.71
N HIS C 9 21.82 13.53 -3.70
CA HIS C 9 21.82 14.01 -2.33
C HIS C 9 20.40 14.16 -1.82
N GLU C 10 20.27 14.82 -0.66
CA GLU C 10 19.05 14.94 0.15
C GLU C 10 18.86 13.69 0.98
N ILE C 11 18.65 12.54 0.34
CA ILE C 11 18.60 11.29 1.09
C ILE C 11 19.94 11.02 1.74
N THR C 12 21.04 11.43 1.10
CA THR C 12 22.37 11.25 1.65
C THR C 12 22.69 12.34 2.68
N GLY C 13 22.43 13.60 2.34
CA GLY C 13 22.69 14.69 3.24
C GLY C 13 24.08 15.28 3.19
N GLY C 14 24.94 14.77 2.32
CA GLY C 14 26.27 15.35 2.14
C GLY C 14 27.33 14.29 1.99
N ASN C 15 28.49 14.72 1.49
CA ASN C 15 29.64 13.85 1.35
C ASN C 15 30.42 13.76 2.66
N ARG C 16 31.53 13.02 2.62
CA ARG C 16 32.30 12.75 3.84
C ARG C 16 32.78 14.03 4.51
N GLN C 17 33.28 14.97 3.71
CA GLN C 17 33.76 16.22 4.31
C GLN C 17 32.62 17.06 4.85
N GLU C 18 31.44 17.01 4.20
CA GLU C 18 30.28 17.74 4.71
C GLU C 18 29.79 17.15 6.02
N LYS C 19 29.69 15.83 6.10
CA LYS C 19 29.25 15.19 7.34
C LYS C 19 30.21 15.49 8.48
N LEU C 20 31.51 15.46 8.20
CA LEU C 20 32.51 15.69 9.24
C LEU C 20 32.42 17.13 9.74
N ALA C 21 32.29 18.09 8.83
CA ALA C 21 32.10 19.48 9.23
C ALA C 21 30.82 19.63 10.04
N GLN C 22 29.74 18.95 9.64
CA GLN C 22 28.49 19.05 10.39
C GLN C 22 28.67 18.56 11.82
N LEU C 23 29.22 17.36 12.01
CA LEU C 23 29.27 16.83 13.37
C LEU C 23 30.23 17.62 14.25
N MSE C 24 31.31 18.15 13.69
CA MSE C 24 32.25 18.92 14.56
C MSE C 24 31.64 20.26 14.99
O MSE C 24 31.75 20.71 16.15
CB MSE C 24 33.60 19.12 13.87
CG MSE C 24 34.37 17.79 13.71
SE MSE C 24 34.86 16.97 15.50
CE MSE C 24 34.92 18.55 16.66
N ARG C 25 31.01 20.90 14.00
CA ARG C 25 30.08 21.98 14.25
C ARG C 25 29.15 21.70 15.41
N GLN C 26 28.38 20.62 15.31
CA GLN C 26 27.42 20.33 16.34
C GLN C 26 28.11 19.97 17.64
N PHE C 27 29.16 19.16 17.60
CA PHE C 27 29.87 18.79 18.82
C PHE C 27 30.37 20.01 19.58
N GLU C 28 30.87 21.03 18.86
CA GLU C 28 31.38 22.23 19.52
C GLU C 28 30.27 23.20 19.92
N SER C 29 29.04 23.00 19.47
CA SER C 29 27.94 23.88 19.85
C SER C 29 27.03 23.17 20.85
N GLY C 30 25.82 22.84 20.43
CA GLY C 30 24.83 22.31 21.34
C GLY C 30 24.86 20.83 21.56
N GLY C 31 25.83 20.12 20.99
CA GLY C 31 25.91 18.68 21.19
C GLY C 31 25.20 17.88 20.11
N LEU C 32 25.26 16.58 20.26
CA LEU C 32 24.63 15.63 19.34
C LEU C 32 24.62 14.27 20.02
N TYR C 33 24.37 13.21 19.25
CA TYR C 33 24.17 11.88 19.82
C TYR C 33 25.25 10.91 19.35
N LEU C 34 25.53 9.91 20.19
CA LEU C 34 26.40 8.80 19.84
C LEU C 34 25.67 7.53 20.26
N ARG C 35 25.33 6.67 19.32
CA ARG C 35 24.72 5.39 19.63
C ARG C 35 25.76 4.30 19.46
N THR C 36 26.10 3.59 20.55
CA THR C 36 27.00 2.46 20.37
C THR C 36 26.17 1.25 19.96
N VAL C 37 26.80 0.33 19.21
CA VAL C 37 26.13 -0.90 18.82
C VAL C 37 27.11 -2.05 18.94
N SER C 38 26.60 -3.18 19.42
CA SER C 38 27.35 -4.42 19.44
C SER C 38 27.26 -5.18 18.13
N ASP C 39 26.08 -5.18 17.51
CA ASP C 39 25.87 -5.92 16.27
C ASP C 39 25.72 -4.87 15.17
N HIS C 40 26.85 -4.48 14.58
CA HIS C 40 26.83 -3.46 13.53
C HIS C 40 26.23 -4.00 12.23
N ARG C 41 26.31 -5.31 12.02
CA ARG C 41 25.64 -5.88 10.84
C ARG C 41 24.14 -5.74 10.95
N ASP C 42 23.58 -6.02 12.13
CA ASP C 42 22.16 -5.85 12.37
C ASP C 42 21.76 -4.39 12.30
N GLU C 43 22.56 -3.49 12.87
CA GLU C 43 22.21 -2.08 12.81
C GLU C 43 22.11 -1.62 11.37
N PHE C 44 23.08 -2.02 10.55
CA PHE C 44 23.00 -1.67 9.14
C PHE C 44 21.80 -2.32 8.46
N GLU C 45 21.65 -3.65 8.59
CA GLU C 45 20.63 -4.37 7.82
C GLU C 45 19.23 -4.10 8.31
N ASN C 46 19.05 -4.00 9.63
CA ASN C 46 17.72 -4.04 10.22
C ASN C 46 17.27 -2.73 10.84
N THR C 47 18.17 -1.74 10.97
CA THR C 47 17.78 -0.38 11.33
C THR C 47 18.01 0.59 10.17
N PHE C 48 19.26 0.71 9.70
CA PHE C 48 19.60 1.73 8.71
C PHE C 48 18.93 1.47 7.35
N MSE C 49 19.12 0.29 6.77
CA MSE C 49 18.42 -0.01 5.48
C MSE C 49 16.88 0.12 5.42
O MSE C 49 16.35 0.64 4.44
CB MSE C 49 18.81 -1.37 4.95
CG MSE C 49 20.31 -1.57 4.64
SE MSE C 49 20.83 -0.30 3.18
CE MSE C 49 19.57 -0.89 1.77
N PRO C 50 16.14 -0.35 6.44
CA PRO C 50 14.69 -0.06 6.43
C PRO C 50 14.39 1.42 6.45
N LYS C 51 15.20 2.22 7.17
CA LYS C 51 15.02 3.67 7.14
C LYS C 51 15.28 4.22 5.74
N LEU C 52 16.33 3.75 5.08
CA LEU C 52 16.60 4.19 3.71
C LEU C 52 15.44 3.81 2.78
N ASP C 53 14.98 2.55 2.85
CA ASP C 53 13.85 2.15 2.02
C ASP C 53 12.61 3.02 2.29
N ALA C 54 12.34 3.30 3.56
CA ALA C 54 11.21 4.16 3.89
C ALA C 54 11.36 5.55 3.26
N CYS C 55 12.56 6.14 3.35
CA CYS C 55 12.84 7.38 2.62
C CYS C 55 12.55 7.22 1.13
N LEU C 56 12.89 6.07 0.57
CA LEU C 56 12.69 5.82 -0.86
C LEU C 56 11.24 5.45 -1.20
N GLY C 57 10.37 5.34 -0.20
CA GLY C 57 8.98 5.03 -0.42
C GLY C 57 8.63 3.57 -0.47
N HIS C 58 9.53 2.67 -0.07
CA HIS C 58 9.28 1.25 -0.14
C HIS C 58 8.61 0.71 1.12
N GLY C 59 9.41 0.40 2.14
CA GLY C 59 8.92 -0.29 3.33
C GLY C 59 8.62 0.66 4.48
N CYS C 60 8.64 0.09 5.69
CA CYS C 60 8.41 0.84 6.92
C CYS C 60 9.69 0.86 7.76
N ASP C 61 9.88 1.96 8.47
CA ASP C 61 10.85 2.00 9.56
C ASP C 61 10.13 1.42 10.78
N GLU C 62 10.22 0.09 10.90
CA GLU C 62 9.47 -0.64 11.92
C GLU C 62 10.09 -0.47 13.31
N ARG C 63 11.41 -0.30 13.38
CA ARG C 63 12.06 -0.12 14.67
C ARG C 63 11.90 1.32 15.16
N TYR C 64 12.20 2.28 14.28
CA TYR C 64 11.97 3.71 14.45
C TYR C 64 12.86 4.36 15.51
N TRP C 65 12.70 3.99 16.77
CA TRP C 65 13.41 4.62 17.89
C TRP C 65 14.62 3.78 18.30
N SER C 66 15.75 4.46 18.58
CA SER C 66 16.99 3.83 19.03
C SER C 66 17.56 4.56 20.24
N SER C 67 18.23 3.81 21.12
CA SER C 67 18.94 4.40 22.25
C SER C 67 20.25 5.06 21.84
N ALA C 68 20.54 6.20 22.45
CA ALA C 68 21.79 6.92 22.20
C ALA C 68 22.19 7.71 23.44
N THR C 69 23.48 8.06 23.50
CA THR C 69 24.00 8.94 24.55
C THR C 69 24.23 10.32 23.98
N PHE C 70 23.99 11.35 24.79
CA PHE C 70 24.29 12.73 24.42
C PHE C 70 25.79 12.97 24.55
N ILE C 71 26.40 13.56 23.51
CA ILE C 71 27.80 13.95 23.59
C ILE C 71 27.95 15.42 23.22
N GLN C 72 28.94 16.07 23.82
CA GLN C 72 29.15 17.49 23.62
C GLN C 72 30.59 17.79 24.03
N GLN C 73 31.22 18.71 23.30
CA GLN C 73 32.58 19.10 23.66
C GLN C 73 32.61 19.57 25.09
N GLY C 74 33.58 19.07 25.86
CA GLY C 74 33.74 19.46 27.25
C GLY C 74 32.91 18.68 28.25
N LEU C 75 31.90 17.95 27.81
CA LEU C 75 31.13 17.08 28.69
C LEU C 75 31.86 15.74 28.80
N ASN C 76 32.34 15.42 30.00
CA ASN C 76 33.15 14.22 30.20
C ASN C 76 32.24 13.00 30.34
N GLY C 77 31.59 12.65 29.23
CA GLY C 77 30.54 11.66 29.22
C GLY C 77 31.02 10.30 28.73
N LYS C 78 30.75 9.27 29.52
CA LYS C 78 31.01 7.91 29.08
C LYS C 78 29.93 7.44 28.11
N VAL C 79 30.29 6.51 27.23
CA VAL C 79 29.34 5.90 26.34
C VAL C 79 29.09 4.47 26.82
N HIS C 80 28.01 3.88 26.31
CA HIS C 80 27.64 2.54 26.77
C HIS C 80 28.46 1.49 26.03
N ASP C 81 29.42 0.88 26.71
CA ASP C 81 30.20 -0.15 26.03
C ASP C 81 30.84 -1.03 27.11
N PRO C 82 30.06 -1.90 27.76
CA PRO C 82 30.59 -2.59 28.96
C PRO C 82 31.86 -3.39 28.72
N HIS C 83 31.98 -4.08 27.57
CA HIS C 83 33.14 -4.90 27.31
C HIS C 83 34.13 -4.25 26.35
N ALA C 84 34.06 -2.93 26.19
CA ALA C 84 34.94 -2.16 25.30
C ALA C 84 35.15 -2.87 23.96
N ASP C 85 34.04 -3.17 23.30
CA ASP C 85 34.15 -3.91 22.04
C ASP C 85 33.10 -3.46 21.02
N ARG C 86 32.60 -2.23 21.16
CA ARG C 86 31.53 -1.72 20.32
C ARG C 86 32.06 -0.71 19.32
N THR C 87 31.39 -0.62 18.17
CA THR C 87 31.49 0.57 17.36
C THR C 87 30.22 1.40 17.61
N GLY C 88 29.87 2.29 16.69
CA GLY C 88 28.69 3.09 16.90
C GLY C 88 28.53 4.11 15.80
N LEU C 89 27.45 4.89 15.92
CA LEU C 89 27.10 5.93 14.97
C LEU C 89 27.07 7.27 15.68
N ILE C 90 27.74 8.26 15.11
CA ILE C 90 27.58 9.65 15.54
C ILE C 90 26.41 10.23 14.78
N ILE C 91 25.41 10.74 15.50
CA ILE C 91 24.11 11.05 14.92
C ILE C 91 23.79 12.52 15.14
N SER C 92 23.34 13.19 14.08
CA SER C 92 23.03 14.61 14.12
C SER C 92 22.01 14.95 15.20
N ALA C 93 22.18 16.14 15.78
CA ALA C 93 21.20 16.65 16.72
C ALA C 93 19.82 16.83 16.09
N ASP C 94 19.73 16.85 14.76
CA ASP C 94 18.43 16.97 14.12
C ASP C 94 17.60 15.70 14.18
N ALA C 95 18.17 14.59 14.68
CA ALA C 95 17.36 13.38 14.86
C ALA C 95 16.21 13.68 15.79
N ARG C 96 15.05 13.10 15.49
CA ARG C 96 13.87 13.33 16.31
C ARG C 96 14.03 12.72 17.71
N LEU C 97 13.72 13.51 18.74
CA LEU C 97 13.95 13.14 20.14
C LEU C 97 12.67 12.60 20.77
N GLY C 98 12.77 11.41 21.36
CA GLY C 98 11.62 10.80 22.00
C GLY C 98 11.68 10.82 23.51
N GLY C 99 12.77 11.32 24.07
CA GLY C 99 12.90 11.48 25.51
C GLY C 99 14.38 11.34 25.87
N PHE C 100 14.76 12.01 26.97
CA PHE C 100 16.14 11.95 27.44
C PHE C 100 16.15 11.81 28.96
N SER C 101 16.98 10.90 29.45
CA SER C 101 17.18 10.71 30.89
C SER C 101 18.67 10.64 31.18
N THR C 102 19.08 11.17 32.33
CA THR C 102 20.50 11.05 32.63
C THR C 102 20.85 9.67 33.18
N PHE C 103 19.86 8.86 33.50
CA PHE C 103 20.05 7.52 34.02
C PHE C 103 19.77 6.49 32.94
N ASP C 104 20.25 5.27 33.19
CA ASP C 104 20.02 4.13 32.31
C ASP C 104 18.94 3.28 32.99
N ALA C 105 17.68 3.59 32.69
CA ALA C 105 16.56 2.86 33.27
C ALA C 105 16.23 1.61 32.46
N ALA C 106 14.99 1.12 32.56
CA ALA C 106 14.58 -0.11 31.89
C ALA C 106 13.85 0.14 30.59
N THR C 107 13.82 1.37 30.11
CA THR C 107 13.06 1.70 28.91
C THR C 107 13.55 0.87 27.73
N ALA C 108 12.67 0.06 27.17
CA ALA C 108 13.01 -0.87 26.12
C ALA C 108 12.61 -0.32 24.75
N ASN C 109 12.65 -1.18 23.75
CA ASN C 109 12.30 -0.83 22.38
C ASN C 109 10.80 -0.99 22.16
N VAL C 110 10.35 -0.67 20.94
CA VAL C 110 8.91 -0.69 20.68
C VAL C 110 8.42 -2.14 20.71
N PRO C 111 7.37 -2.45 21.47
CA PRO C 111 6.95 -3.85 21.57
C PRO C 111 6.25 -4.32 20.31
N SER C 112 6.45 -5.61 20.03
CA SER C 112 5.86 -6.29 18.88
C SER C 112 4.40 -5.91 18.71
N GLY C 113 4.00 -5.63 17.49
CA GLY C 113 2.60 -5.32 17.20
C GLY C 113 2.13 -3.93 17.57
N LEU C 114 3.00 -3.05 18.06
CA LEU C 114 2.59 -1.69 18.40
C LEU C 114 3.13 -0.73 17.34
N GLU C 115 2.45 0.41 17.20
CA GLU C 115 2.88 1.40 16.21
C GLU C 115 4.14 2.10 16.71
N PRO C 116 5.24 2.04 15.98
CA PRO C 116 6.51 2.56 16.54
C PRO C 116 6.62 4.07 16.55
N SER C 117 6.10 4.77 15.54
CA SER C 117 6.42 6.19 15.42
C SER C 117 5.92 7.03 16.58
N GLN C 118 4.87 6.61 17.27
CA GLN C 118 4.34 7.38 18.39
C GLN C 118 4.53 6.69 19.73
N TYR C 119 5.30 5.60 19.79
CA TYR C 119 5.53 4.91 21.06
C TYR C 119 6.17 5.84 22.08
N PHE C 120 7.30 6.39 21.74
CA PHE C 120 7.79 7.52 22.52
C PHE C 120 7.35 8.83 21.88
N PRO C 121 7.28 9.93 22.65
CA PRO C 121 7.58 10.12 24.08
C PRO C 121 6.51 9.62 25.05
N GLY C 122 5.35 9.18 24.55
CA GLY C 122 4.26 8.81 25.44
C GLY C 122 4.64 7.73 26.45
N GLN C 123 5.39 6.73 26.02
CA GLN C 123 5.84 5.65 26.90
C GLN C 123 7.26 5.87 27.41
N PHE C 124 7.78 7.06 27.29
CA PHE C 124 9.06 7.34 27.91
C PHE C 124 8.82 7.83 29.34
N PRO C 125 9.48 7.25 30.35
CA PRO C 125 9.18 7.65 31.74
C PRO C 125 9.55 9.10 31.98
N LYS C 126 8.66 9.81 32.69
CA LYS C 126 8.86 11.23 32.93
C LYS C 126 9.79 11.50 34.09
N PHE C 127 10.12 10.49 34.87
CA PHE C 127 11.14 10.60 35.89
C PHE C 127 11.73 9.22 36.10
N ASP C 128 12.90 9.18 36.73
CA ASP C 128 13.58 7.92 37.04
C ASP C 128 13.09 7.42 38.38
N MSE C 129 12.41 6.28 38.35
CA MSE C 129 11.68 5.76 39.49
C MSE C 129 12.65 5.40 40.61
O MSE C 129 12.47 5.78 41.77
CB MSE C 129 10.86 4.58 39.01
CG MSE C 129 9.89 3.97 39.97
SE MSE C 129 8.81 2.76 38.91
CE MSE C 129 7.15 3.78 38.87
N MSE C 130 13.72 4.70 40.25
CA MSE C 130 14.69 4.20 41.24
C MSE C 130 15.52 5.31 41.88
O MSE C 130 15.76 5.30 43.08
CB MSE C 130 15.60 3.16 40.56
CG MSE C 130 14.77 2.25 39.69
SE MSE C 130 13.66 1.12 40.83
CE MSE C 130 12.78 0.03 39.48
N GLY C 131 15.96 6.28 41.07
CA GLY C 131 16.67 7.42 41.62
C GLY C 131 15.80 8.28 42.51
N ALA C 132 14.56 8.53 42.08
CA ALA C 132 13.65 9.34 42.89
C ALA C 132 13.33 8.66 44.22
N TYR C 133 13.09 7.35 44.18
CA TYR C 133 12.80 6.61 45.40
C TYR C 133 13.93 6.71 46.41
N GLN C 134 15.18 6.58 45.95
CA GLN C 134 16.31 6.76 46.85
C GLN C 134 16.36 8.17 47.43
N ALA C 135 15.97 9.16 46.63
CA ALA C 135 15.99 10.55 47.10
C ALA C 135 14.93 10.79 48.16
N THR C 136 13.73 10.26 47.96
CA THR C 136 12.55 10.62 48.74
C THR C 136 12.10 9.58 49.75
N TRP C 137 12.44 8.31 49.56
CA TRP C 137 11.97 7.22 50.42
C TRP C 137 10.45 7.11 50.41
N ASN C 138 9.84 7.53 49.30
CA ASN C 138 8.40 7.59 49.14
C ASN C 138 7.95 6.42 48.29
N GLU C 139 7.14 5.52 48.86
CA GLU C 139 6.76 4.29 48.17
C GLU C 139 5.62 4.48 47.19
N ASP C 140 4.88 5.60 47.27
CA ASP C 140 3.87 5.89 46.26
C ASP C 140 4.45 5.96 44.87
N ILE C 141 5.77 6.19 44.76
CA ILE C 141 6.44 6.22 43.47
C ILE C 141 6.13 4.98 42.65
N PHE C 142 5.95 3.82 43.29
CA PHE C 142 5.83 2.59 42.53
C PHE C 142 4.39 2.20 42.18
N SER C 143 3.39 2.99 42.58
CA SER C 143 2.02 2.71 42.16
C SER C 143 1.54 3.63 41.04
N VAL C 144 2.36 4.59 40.62
CA VAL C 144 1.99 5.48 39.53
C VAL C 144 2.63 4.98 38.26
N ASP C 145 2.00 5.28 37.13
CA ASP C 145 2.62 5.05 35.84
C ASP C 145 3.57 6.20 35.57
N ALA C 146 4.88 5.94 35.68
CA ALA C 146 5.88 6.97 35.45
C ALA C 146 5.81 7.55 34.03
N THR C 147 5.21 6.85 33.08
CA THR C 147 5.06 7.38 31.74
C THR C 147 3.89 8.34 31.59
N ALA C 148 3.00 8.42 32.58
CA ALA C 148 1.77 9.17 32.43
C ALA C 148 1.61 10.33 33.41
N VAL C 149 2.59 10.59 34.28
CA VAL C 149 2.43 11.59 35.33
C VAL C 149 2.67 12.99 34.78
N SER C 150 1.99 13.98 35.35
CA SER C 150 2.20 15.36 34.97
C SER C 150 3.16 16.04 35.94
N GLU C 151 3.56 17.26 35.59
CA GLU C 151 4.48 18.02 36.43
C GLU C 151 3.88 18.27 37.82
N GLN C 152 2.56 18.49 37.90
CA GLN C 152 1.93 18.67 39.20
C GLN C 152 1.99 17.39 40.01
N GLN C 153 1.71 16.24 39.39
CA GLN C 153 1.79 14.96 40.10
C GLN C 153 3.20 14.70 40.62
N MSE C 154 4.24 15.05 39.84
CA MSE C 154 5.60 14.82 40.32
C MSE C 154 6.00 15.76 41.47
O MSE C 154 6.80 15.36 42.32
CB MSE C 154 6.63 14.90 39.18
CG MSE C 154 6.39 13.89 38.07
SE MSE C 154 7.84 13.89 36.74
CE MSE C 154 7.19 15.29 35.55
N ASP C 155 5.43 16.96 41.55
CA ASP C 155 5.68 17.80 42.71
C ASP C 155 5.04 17.20 43.95
N GLU C 156 3.77 16.79 43.85
CA GLU C 156 3.10 16.19 45.00
C GLU C 156 3.77 14.89 45.41
N LEU C 157 4.45 14.22 44.47
CA LEU C 157 5.27 13.07 44.82
C LEU C 157 6.61 13.48 45.41
N GLY C 158 7.02 14.75 45.23
CA GLY C 158 8.30 15.21 45.72
C GLY C 158 9.50 14.84 44.86
N ILE C 159 9.31 14.69 43.55
CA ILE C 159 10.37 14.20 42.66
C ILE C 159 11.37 15.33 42.44
N PRO C 160 12.63 15.24 42.89
CA PRO C 160 13.57 16.33 42.59
C PRO C 160 13.85 16.42 41.09
N ASP C 161 14.20 17.63 40.65
CA ASP C 161 14.31 17.89 39.22
C ASP C 161 15.44 17.10 38.57
N GLU C 162 16.49 16.78 39.34
CA GLU C 162 17.57 15.95 38.82
C GLU C 162 17.08 14.61 38.28
N TYR C 163 15.91 14.13 38.73
CA TYR C 163 15.43 12.82 38.33
C TYR C 163 14.34 12.88 37.26
N ARG C 164 13.99 14.06 36.78
CA ARG C 164 12.96 14.20 35.75
C ARG C 164 13.56 14.15 34.35
N SER C 165 12.83 13.52 33.44
CA SER C 165 13.27 13.41 32.07
C SER C 165 13.00 14.69 31.30
N VAL C 166 13.71 14.81 30.16
CA VAL C 166 13.72 15.96 29.26
C VAL C 166 13.16 15.54 27.91
N PHE C 167 12.40 16.41 27.26
CA PHE C 167 11.81 16.05 25.97
C PHE C 167 12.11 17.04 24.84
N ASP C 168 12.95 18.03 25.07
CA ASP C 168 13.38 18.95 24.03
C ASP C 168 14.91 18.99 24.00
N PHE C 169 15.48 18.99 22.80
CA PHE C 169 16.94 18.91 22.68
C PHE C 169 17.63 20.08 23.37
N ASP C 170 17.06 21.29 23.28
CA ASP C 170 17.67 22.44 23.93
C ASP C 170 17.75 22.28 25.45
N ARG C 171 16.84 21.51 26.04
CA ARG C 171 16.88 21.25 27.48
C ARG C 171 17.93 20.21 27.86
N ILE C 172 18.38 19.37 26.93
CA ILE C 172 19.42 18.40 27.25
C ILE C 172 20.69 19.10 27.66
N GLN C 173 21.11 20.08 26.84
CA GLN C 173 22.30 20.85 27.13
C GLN C 173 22.25 21.48 28.52
N GLU C 174 21.13 22.11 28.84
CA GLU C 174 20.94 22.66 30.19
C GLU C 174 21.05 21.58 31.26
N LYS C 175 20.47 20.42 31.03
CA LYS C 175 20.52 19.33 32.02
C LYS C 175 21.93 18.86 32.32
N MSE C 176 22.80 18.96 31.33
CA MSE C 176 24.19 18.51 31.45
C MSE C 176 25.16 19.63 31.82
O MSE C 176 26.38 19.42 31.94
CB MSE C 176 24.61 17.88 30.11
CG MSE C 176 23.91 16.60 29.72
SE MSE C 176 23.43 15.45 31.22
CE MSE C 176 25.09 14.40 31.32
N ALA C 177 24.64 20.86 31.92
CA ALA C 177 25.50 22.04 32.05
C ALA C 177 26.42 21.94 33.26
N GLN C 178 25.88 21.51 34.41
CA GLN C 178 26.69 21.50 35.63
C GLN C 178 27.84 20.50 35.56
N PRO C 179 27.62 19.24 35.18
CA PRO C 179 28.79 18.35 35.00
C PRO C 179 29.77 18.89 33.97
N ARG C 180 29.27 19.56 32.92
CA ARG C 180 30.18 19.99 31.86
C ARG C 180 31.09 21.11 32.36
N LEU C 181 30.54 22.04 33.13
CA LEU C 181 31.33 23.14 33.68
C LEU C 181 32.51 22.63 34.49
N ALA C 182 32.32 21.55 35.24
CA ALA C 182 33.35 21.07 36.16
C ALA C 182 34.25 19.99 35.55
N GLY C 183 33.88 19.42 34.41
CA GLY C 183 34.61 18.29 33.87
C GLY C 183 34.39 16.98 34.60
N ARG C 184 33.33 16.87 35.41
CA ARG C 184 33.03 15.62 36.11
C ARG C 184 32.68 14.54 35.11
N GLU C 185 33.20 13.34 35.33
CA GLU C 185 32.83 12.21 34.50
C GLU C 185 31.41 11.78 34.85
N VAL C 186 30.60 11.52 33.82
CA VAL C 186 29.21 11.13 33.98
C VAL C 186 28.98 9.79 33.29
N GLU C 187 28.14 8.96 33.90
CA GLU C 187 27.76 7.68 33.33
C GLU C 187 26.96 7.91 32.06
N PRO C 188 26.83 6.88 31.22
CA PRO C 188 26.15 7.07 29.92
C PRO C 188 24.72 7.53 30.13
N THR C 189 24.36 8.63 29.48
CA THR C 189 22.99 9.09 29.48
C THR C 189 22.23 8.35 28.38
N GLU C 190 20.91 8.48 28.37
CA GLU C 190 20.14 7.74 27.38
C GLU C 190 19.03 8.60 26.81
N ALA C 191 19.05 8.78 25.50
CA ALA C 191 17.98 9.39 24.75
C ALA C 191 17.37 8.33 23.86
N LYS C 192 16.07 8.44 23.60
CA LYS C 192 15.45 7.70 22.50
C LYS C 192 15.35 8.65 21.32
N ILE C 193 15.98 8.28 20.21
CA ILE C 193 15.98 9.11 19.01
C ILE C 193 15.54 8.30 17.80
N CYS C 194 15.01 8.99 16.80
CA CYS C 194 14.74 8.38 15.51
C CYS C 194 15.67 9.05 14.51
N TYR C 195 16.70 8.36 14.09
CA TYR C 195 17.58 8.97 13.11
C TYR C 195 17.14 8.60 11.70
N GLN C 196 17.31 9.54 10.81
CA GLN C 196 17.18 9.33 9.38
C GLN C 196 18.55 9.04 8.79
N PRO C 197 18.62 8.41 7.60
CA PRO C 197 19.94 8.12 7.01
C PRO C 197 20.84 9.33 6.91
N LYS C 198 20.29 10.49 6.56
CA LYS C 198 21.08 11.71 6.45
C LYS C 198 21.60 12.20 7.79
N ASP C 199 21.01 11.74 8.89
CA ASP C 199 21.44 12.13 10.24
C ASP C 199 22.70 11.39 10.70
N VAL C 200 23.09 10.32 10.04
CA VAL C 200 24.27 9.58 10.47
C VAL C 200 25.48 10.33 9.95
N LEU C 201 26.29 10.85 10.87
CA LEU C 201 27.41 11.72 10.51
C LEU C 201 28.78 11.09 10.67
N GLY C 202 28.93 10.04 11.49
CA GLY C 202 30.24 9.46 11.64
C GLY C 202 30.15 8.07 12.25
N ILE C 203 31.30 7.41 12.29
CA ILE C 203 31.42 6.05 12.82
C ILE C 203 32.34 6.12 14.04
N TYR C 204 31.84 5.66 15.20
CA TYR C 204 32.58 5.72 16.45
C TYR C 204 33.66 4.63 16.50
N VAL C 205 34.89 5.03 16.83
CA VAL C 205 35.99 4.11 17.03
C VAL C 205 36.55 4.30 18.43
N ASP C 206 36.68 3.20 19.17
CA ASP C 206 37.44 3.16 20.42
C ASP C 206 38.87 2.76 20.07
N VAL C 207 39.80 3.71 20.12
CA VAL C 207 41.17 3.45 19.64
C VAL C 207 41.92 2.44 20.50
N ASP C 208 41.43 2.13 21.71
CA ASP C 208 42.06 1.14 22.58
C ASP C 208 41.54 -0.26 22.35
N SER C 209 40.54 -0.44 21.49
CA SER C 209 39.85 -1.71 21.32
C SER C 209 40.05 -2.26 19.91
N PRO C 210 40.86 -3.30 19.71
CA PRO C 210 40.90 -3.94 18.38
C PRO C 210 39.53 -4.39 17.90
N ALA C 211 38.63 -4.82 18.80
CA ALA C 211 37.29 -5.20 18.37
C ALA C 211 36.54 -4.00 17.80
N SER C 212 36.51 -2.88 18.54
CA SER C 212 35.87 -1.67 18.05
C SER C 212 36.40 -1.27 16.66
N GLN C 213 37.72 -1.33 16.47
CA GLN C 213 38.27 -0.88 15.18
C GLN C 213 37.86 -1.80 14.04
N SER C 214 37.83 -3.11 14.27
CA SER C 214 37.41 -4.01 13.20
C SER C 214 35.93 -3.83 12.87
N LYS C 215 35.09 -3.64 13.89
CA LYS C 215 33.67 -3.47 13.63
C LYS C 215 33.41 -2.16 12.91
N ALA C 216 34.15 -1.12 13.28
CA ALA C 216 34.00 0.19 12.65
C ALA C 216 34.38 0.13 11.17
N ARG C 217 35.45 -0.60 10.85
CA ARG C 217 35.85 -0.73 9.45
C ARG C 217 34.76 -1.39 8.63
N GLU C 218 34.11 -2.41 9.21
CA GLU C 218 33.08 -3.14 8.49
C GLU C 218 31.86 -2.25 8.28
N LEU C 219 31.45 -1.56 9.35
CA LEU C 219 30.26 -0.71 9.30
C LEU C 219 30.47 0.47 8.34
N GLN C 220 31.65 1.07 8.36
CA GLN C 220 31.95 2.17 7.46
C GLN C 220 31.98 1.70 6.01
N GLN C 221 32.49 0.50 5.77
CA GLN C 221 32.50 -0.06 4.41
C GLN C 221 31.09 -0.33 3.92
N ALA C 222 30.24 -0.89 4.77
CA ALA C 222 28.86 -1.17 4.38
C ALA C 222 28.11 0.11 4.05
N MSE C 223 28.32 1.16 4.84
CA MSE C 223 27.73 2.48 4.63
C MSE C 223 28.17 3.05 3.28
O MSE C 223 27.37 3.55 2.52
CB MSE C 223 28.17 3.43 5.75
CG MSE C 223 27.43 3.29 7.07
SE MSE C 223 25.50 3.57 7.00
CE MSE C 223 25.13 3.03 8.86
N ARG C 224 29.49 2.99 3.03
CA ARG C 224 30.05 3.55 1.81
C ARG C 224 29.45 2.88 0.58
N GLU C 225 29.27 1.57 0.64
CA GLU C 225 28.71 0.82 -0.48
C GLU C 225 27.33 1.32 -0.88
N GLN C 226 26.57 1.86 0.08
CA GLN C 226 25.26 2.45 -0.19
C GLN C 226 25.34 3.92 -0.52
N GLY C 227 26.53 4.49 -0.64
CA GLY C 227 26.67 5.90 -0.96
C GLY C 227 26.81 6.82 0.23
N PHE C 228 26.94 6.29 1.44
CA PHE C 228 27.08 7.11 2.65
C PHE C 228 28.52 6.98 3.13
N ASP C 229 29.37 7.92 2.71
CA ASP C 229 30.79 7.94 3.05
C ASP C 229 30.97 8.72 4.34
N LEU C 230 31.41 8.03 5.40
CA LEU C 230 31.43 8.66 6.71
C LEU C 230 32.83 8.66 7.31
N PRO C 231 33.18 9.68 8.11
CA PRO C 231 34.48 9.70 8.77
C PRO C 231 34.50 8.79 9.99
N PHE C 232 35.69 8.29 10.30
CA PHE C 232 35.92 7.63 11.57
C PHE C 232 36.15 8.67 12.64
N ILE C 233 35.45 8.54 13.78
CA ILE C 233 35.53 9.54 14.85
C ILE C 233 35.97 8.83 16.12
N ALA C 234 37.11 9.25 16.66
CA ALA C 234 37.49 8.84 18.01
C ALA C 234 36.82 9.78 19.01
N TYR C 235 35.94 9.27 19.87
CA TYR C 235 35.33 10.10 20.90
C TYR C 235 35.75 9.56 22.26
N ARG C 236 36.16 10.46 23.16
CA ARG C 236 36.41 10.05 24.55
C ARG C 236 36.53 11.26 25.47
N GLY C 237 35.79 11.25 26.58
CA GLY C 237 36.01 12.22 27.64
C GLY C 237 35.75 13.65 27.22
N GLY C 238 34.72 13.88 26.42
CA GLY C 238 34.39 15.22 25.98
C GLY C 238 35.21 15.76 24.83
N ALA C 239 36.02 14.92 24.17
CA ALA C 239 36.80 15.34 23.02
C ALA C 239 36.61 14.36 21.87
N ALA C 240 36.62 14.87 20.65
CA ALA C 240 36.45 14.02 19.47
C ALA C 240 37.45 14.46 18.40
N GLN C 241 37.96 13.47 17.66
CA GLN C 241 38.96 13.69 16.63
C GLN C 241 38.63 12.80 15.44
N GLU C 242 38.88 13.32 14.25
CA GLU C 242 38.80 12.50 13.05
C GLU C 242 40.00 11.56 12.99
N LEU C 243 39.74 10.31 12.63
CA LEU C 243 40.77 9.32 12.35
C LEU C 243 40.83 9.04 10.85
N ALA C 244 42.04 8.96 10.31
CA ALA C 244 42.21 8.75 8.87
C ALA C 244 41.95 7.31 8.46
PA NAD D . -5.44 -29.82 -18.73
O1A NAD D . -4.24 -29.58 -19.57
O2A NAD D . -5.92 -28.68 -17.90
O5B NAD D . -5.15 -31.02 -17.72
C5B NAD D . -4.83 -32.31 -18.27
C4B NAD D . -4.29 -33.14 -17.12
O4B NAD D . -3.01 -32.60 -16.72
C3B NAD D . -5.16 -33.11 -15.86
O3B NAD D . -6.12 -34.16 -15.82
C2B NAD D . -4.11 -33.16 -14.74
O2B NAD D . -3.58 -34.46 -14.65
C1B NAD D . -3.04 -32.27 -15.34
N9A NAD D . -3.19 -30.82 -15.21
C8A NAD D . -4.29 -30.04 -14.95
N7A NAD D . -4.05 -28.76 -14.95
C5A NAD D . -2.69 -28.68 -15.26
C6A NAD D . -1.83 -27.57 -15.41
N6A NAD D . -2.20 -26.31 -15.28
N1A NAD D . -0.53 -27.84 -15.71
C2A NAD D . -0.16 -29.12 -15.85
N3A NAD D . -0.89 -30.22 -15.74
C4A NAD D . -2.17 -29.93 -15.43
O3 NAD D . -6.59 -30.45 -19.63
PN NAD D . -7.82 -29.74 -20.35
O1N NAD D . -7.88 -28.38 -19.77
O2N NAD D . -9.01 -30.64 -20.28
O5D NAD D . -7.29 -29.57 -21.84
C5D NAD D . -7.52 -30.64 -22.77
C4D NAD D . -7.67 -30.03 -24.14
O4D NAD D . -8.89 -29.25 -24.16
C3D NAD D . -6.54 -29.08 -24.56
O3D NAD D . -6.32 -29.11 -25.97
C2D NAD D . -7.13 -27.70 -24.24
O2D NAD D . -6.54 -26.65 -24.99
C1D NAD D . -8.61 -27.93 -24.58
N1N NAD D . -9.58 -27.01 -23.91
C2N NAD D . -10.02 -27.28 -22.64
C3N NAD D . -10.92 -26.42 -22.00
C7N NAD D . -11.45 -26.73 -20.62
O7N NAD D . -12.51 -26.24 -20.24
N7N NAD D . -10.76 -27.61 -19.90
C4N NAD D . -11.37 -25.31 -22.70
C5N NAD D . -10.90 -25.05 -23.97
C6N NAD D . -10.01 -25.91 -24.56
CA CA E . -5.65 -27.16 -27.22
PA NAD F . -18.72 18.17 -3.15
O1A NAD F . -18.61 19.24 -2.12
O2A NAD F . -17.51 17.82 -3.94
O5B NAD F . -19.86 18.46 -4.22
C5B NAD F . -21.20 18.68 -3.75
C4B NAD F . -22.00 19.19 -4.92
O4B NAD F . -21.46 20.47 -5.33
C3B NAD F . -21.91 18.30 -6.17
O3B NAD F . -22.91 17.28 -6.21
C2B NAD F . -21.95 19.33 -7.30
O2B NAD F . -23.28 19.75 -7.47
C1B NAD F . -21.07 20.44 -6.70
N9A NAD F . -19.63 20.23 -6.75
C8A NAD F . -18.94 19.06 -6.99
N7A NAD F . -17.64 19.19 -6.92
C5A NAD F . -17.44 20.53 -6.60
C6A NAD F . -16.28 21.29 -6.39
N6A NAD F . -15.05 20.78 -6.46
N1A NAD F . -16.43 22.59 -6.08
C2A NAD F . -17.68 23.09 -6.01
N3A NAD F . -18.84 22.48 -6.19
C4A NAD F . -18.67 21.18 -6.48
O3 NAD F . -19.31 16.88 -2.43
PN NAD F . -18.62 15.67 -1.67
O1N NAD F . -17.19 15.60 -2.10
O2N NAD F . -19.49 14.50 -1.92
O5D NAD F . -18.67 16.08 -0.13
C5D NAD F . -19.86 15.79 0.61
C4D NAD F . -19.48 15.77 2.08
O4D NAD F . -18.60 14.63 2.30
C3D NAD F . -18.70 17.00 2.56
O3D NAD F . -18.94 17.22 3.94
C2D NAD F . -17.24 16.55 2.44
O2D NAD F . -16.38 17.24 3.31
C1D NAD F . -17.36 15.04 2.78
N1N NAD F . -16.30 14.16 2.21
C2N NAD F . -16.39 13.68 0.92
C3N NAD F . -15.41 12.85 0.39
C7N NAD F . -15.52 12.29 -1.00
O7N NAD F . -14.92 11.25 -1.28
N7N NAD F . -16.35 12.88 -1.86
C4N NAD F . -14.34 12.49 1.21
C5N NAD F . -14.26 12.99 2.50
C6N NAD F . -15.24 13.81 2.98
CA CA G . -17.18 18.03 5.43
C1 EDO H . 7.50 -4.09 15.61
O1 EDO H . 7.52 -3.15 14.54
C2 EDO H . 6.96 -3.39 16.86
O2 EDO H . 5.77 -2.68 16.53
PA NAD I . 19.29 -2.22 21.55
O1A NAD I . 18.16 -2.45 22.47
O2A NAD I . 19.24 -1.00 20.70
O5B NAD I . 19.50 -3.47 20.56
C5B NAD I . 19.62 -4.79 21.14
C4B NAD I . 19.44 -5.78 20.02
O4B NAD I . 18.09 -5.67 19.50
C3B NAD I . 20.34 -5.56 18.81
O3B NAD I . 21.57 -6.28 18.90
C2B NAD I . 19.45 -5.95 17.63
O2B NAD I . 19.37 -7.36 17.59
C1B NAD I . 18.10 -5.42 18.10
N9A NAD I . 17.86 -3.99 17.89
C8A NAD I . 18.75 -3.01 17.57
N7A NAD I . 18.23 -1.81 17.50
C5A NAD I . 16.89 -2.02 17.79
C6A NAD I . 15.81 -1.13 17.87
N6A NAD I . 15.91 0.18 17.64
N1A NAD I . 14.59 -1.65 18.20
C2A NAD I . 14.50 -2.97 18.40
N3A NAD I . 15.47 -3.90 18.36
C4A NAD I . 16.64 -3.35 18.04
O3 NAD I . 20.68 -2.28 22.32
PN NAD I . 21.56 -1.14 22.95
O1N NAD I . 21.18 0.17 22.37
O2N NAD I . 22.97 -1.61 22.84
O5D NAD I . 21.08 -1.08 24.47
C5D NAD I . 21.68 -1.99 25.40
C4D NAD I . 21.54 -1.38 26.77
O4D NAD I . 22.34 -0.17 26.85
C3D NAD I . 20.12 -0.97 27.14
O3D NAD I . 19.97 -1.17 28.54
C2D NAD I . 20.10 0.53 26.86
O2D NAD I . 19.15 1.23 27.62
C1D NAD I . 21.55 0.93 27.22
N1N NAD I . 22.06 2.16 26.54
C2N NAD I . 22.56 2.08 25.25
C3N NAD I . 23.03 3.24 24.61
C7N NAD I . 23.61 3.11 23.22
O7N NAD I . 24.41 3.98 22.84
N7N NAD I . 23.36 1.99 22.54
C4N NAD I . 22.98 4.45 25.28
C5N NAD I . 22.46 4.51 26.57
C6N NAD I . 22.00 3.36 27.17
CA CA J . 18.44 0.37 29.76
#